data_2VJM
#
_entry.id   2VJM
#
_cell.length_a   151.668
_cell.length_b   151.668
_cell.length_c   98.947
_cell.angle_alpha   90.00
_cell.angle_beta   90.00
_cell.angle_gamma   90.00
#
_symmetry.space_group_name_H-M   'I 4'
#
loop_
_entity.id
_entity.type
_entity.pdbx_description
1 polymer 'FORMYL-COENZYME A TRANSFERASE'
2 polymer 'FORMYL-COENZYME A TRANSFERASE'
3 non-polymer 'COENZYME A'
4 non-polymer 'SODIUM ION'
5 non-polymer '4-(2-HYDROXYETHYL)-1-PIPERAZINE ETHANESULFONIC ACID'
6 water water
#
loop_
_entity_poly.entity_id
_entity_poly.type
_entity_poly.pdbx_seq_one_letter_code
_entity_poly.pdbx_strand_id
1 'polypeptide(L)'
;MTKPLDGINVLDFTHVQAGPACTQMMGFLGANVIKIERRGSGDMTRGWLQDKPNVDSLYFTMFNCNKRSIELDMKTPEGK
ELLEQMIKKADVMVENFGPGALDRMGFTWEYIQELNPRVILASVKGYAEGHANEHLKVYENVAQCSGGAAATTGFWDGPP
TVSGAALGDSNSGMHLMIGILAALEIRHKTGRGQKVAVAMQDAVLNLVRIKLRDQQRLERTGILAEYPQAQPNFAFDRDG
NPLSFDNITSVPRGGNAGGGGQPGWMLKCKGWETDADSYVYFTIAANMWPQICDMIDKPEWKDDPAYNTFEGRVDKLMDI
FSFIETKFADKDKFEVTEWAAQYGIPCGPVMSMKELAHDPSLQKVGTVVEVVDEIRGNHLTVGAPFKFSGFQPEITRAPL
LGEHTDEVLKELGLDDAKIKELHAKQVV
;
A
2 'polypeptide(L)'
;MTKPLDGINVLDFTHVQAGPACTQMMGFLGANVIKIERRGSGDMTRGWLQDKPNVDSLYFTMFNCNKRSIELDMKTPEGK
ELLEQMIKKADVMVENFGPGALDRMGFTWEYIQELNPRVILASVKGYAEGHANEHLKVYENVAQCSGGAAATTGFWDGPP
TVSGAALG(A0A)SNSGMHLMIGILAALEIRHKTGRGQKVAVAMQDAVLNLVRIKLRDQQRLERTGILAEYPQAQPNFAF
DRDGNPLSFDNITSVPRGGNAGGGGQPGWMLKCKGWETDADSYVYFTIAANMWPQICDMIDKPEWKDDPAYNTFEGRVDK
LMDIFSFIETKFADKDKFEVTEWAAQYGIPCGPVMSMKELAHDPSLQKVGTVVEVVDEIRGNHLTVGAPFKFSGFQPEIT
RAPLLGEHTDEVLKELGLDDAKIKELHAKQVV
;
B
#
loop_
_chem_comp.id
_chem_comp.type
_chem_comp.name
_chem_comp.formula
A0A non-polymer '(2S)-2-AMINO-4-(FORMYLOXY)-4-OXOBUTANOIC ACID' 'C5 H7 N O5'
COA non-polymer 'COENZYME A' 'C21 H36 N7 O16 P3 S'
EPE non-polymer '4-(2-HYDROXYETHYL)-1-PIPERAZINE ETHANESULFONIC ACID' 'C8 H18 N2 O4 S'
NA non-polymer 'SODIUM ION' 'Na 1'
#
# COMPACT_ATOMS: atom_id res chain seq x y z
N THR A 2 12.38 24.72 5.42
CA THR A 2 13.08 24.23 4.18
C THR A 2 12.73 22.76 3.88
N LYS A 3 12.67 21.93 4.91
CA LYS A 3 11.99 20.63 4.79
C LYS A 3 10.66 20.71 5.55
N PRO A 4 9.62 20.01 5.06
CA PRO A 4 8.26 20.10 5.60
C PRO A 4 8.13 19.93 7.11
N LEU A 5 8.89 19.00 7.67
CA LEU A 5 8.76 18.67 9.09
C LEU A 5 9.95 19.14 9.93
N ASP A 6 10.79 20.01 9.38
CA ASP A 6 11.82 20.67 10.18
C ASP A 6 11.18 21.29 11.41
N GLY A 7 11.74 21.03 12.58
CA GLY A 7 11.22 21.55 13.84
C GLY A 7 10.16 20.68 14.51
N ILE A 8 9.65 19.66 13.80
CA ILE A 8 8.65 18.76 14.38
C ILE A 8 9.36 17.72 15.23
N ASN A 9 9.01 17.68 16.51
CA ASN A 9 9.66 16.77 17.45
C ASN A 9 8.80 15.53 17.67
N VAL A 10 9.36 14.36 17.32
CA VAL A 10 8.64 13.11 17.40
C VAL A 10 9.18 12.23 18.53
N LEU A 11 8.34 11.95 19.52
CA LEU A 11 8.65 10.96 20.56
C LEU A 11 8.21 9.60 20.02
N ASP A 12 9.18 8.79 19.64
CA ASP A 12 8.95 7.60 18.83
C ASP A 12 9.11 6.31 19.65
N PHE A 13 7.97 5.71 20.03
CA PHE A 13 7.95 4.44 20.76
C PHE A 13 7.99 3.22 19.84
N THR A 14 8.00 3.42 18.54
CA THR A 14 7.70 2.33 17.60
C THR A 14 8.79 1.26 17.48
N HIS A 15 8.37 0.06 17.09
CA HIS A 15 9.26 -1.06 16.84
C HIS A 15 8.70 -1.92 15.70
N VAL A 16 9.50 -2.89 15.26
CA VAL A 16 9.16 -3.78 14.14
C VAL A 16 9.04 -2.95 12.84
N GLN A 17 7.90 -2.99 12.12
CA GLN A 17 7.86 -2.39 10.78
C GLN A 17 6.89 -1.22 10.60
N ALA A 18 5.63 -1.40 11.01
CA ALA A 18 4.59 -0.41 10.72
C ALA A 18 4.91 0.97 11.28
N GLY A 19 5.13 1.00 12.60
CA GLY A 19 5.46 2.24 13.29
C GLY A 19 6.75 2.90 12.83
N PRO A 20 7.86 2.14 12.84
CA PRO A 20 9.14 2.68 12.37
C PRO A 20 9.16 3.20 10.93
N ALA A 21 8.45 2.55 10.01
CA ALA A 21 8.34 3.07 8.63
C ALA A 21 7.74 4.48 8.65
N CYS A 22 6.68 4.66 9.42
CA CYS A 22 6.04 5.95 9.56
C CYS A 22 7.02 7.02 10.07
N THR A 23 7.72 6.73 11.17
CA THR A 23 8.59 7.72 11.80
C THR A 23 9.86 7.95 10.98
N GLN A 24 10.35 6.91 10.29
CA GLN A 24 11.49 7.09 9.39
C GLN A 24 11.16 8.06 8.27
N MET A 25 10.00 7.89 7.66
CA MET A 25 9.61 8.73 6.53
C MET A 25 9.40 10.18 7.00
N MET A 26 8.88 10.36 8.22
CA MET A 26 8.79 11.69 8.83
C MET A 26 10.20 12.28 9.00
N GLY A 27 11.13 11.45 9.47
CA GLY A 27 12.55 11.81 9.55
C GLY A 27 13.15 12.24 8.21
N PHE A 28 12.81 11.52 7.15
CA PHE A 28 13.26 11.86 5.79
C PHE A 28 12.75 13.25 5.35
N LEU A 29 11.57 13.64 5.83
CA LEU A 29 10.99 14.95 5.52
C LEU A 29 11.35 16.04 6.55
N GLY A 30 12.31 15.75 7.43
CA GLY A 30 12.89 16.76 8.32
C GLY A 30 12.62 16.63 9.81
N ALA A 31 11.76 15.70 10.20
CA ALA A 31 11.38 15.56 11.61
C ALA A 31 12.54 15.13 12.51
N ASN A 32 12.52 15.65 13.73
CA ASN A 32 13.45 15.27 14.80
CA ASN A 32 13.44 15.27 14.79
C ASN A 32 12.89 14.05 15.53
N VAL A 33 13.36 12.87 15.16
CA VAL A 33 12.84 11.62 15.69
C VAL A 33 13.73 11.06 16.80
N ILE A 34 13.15 10.92 17.99
CA ILE A 34 13.83 10.31 19.14
C ILE A 34 13.19 8.96 19.41
N LYS A 35 13.91 7.88 19.08
CA LYS A 35 13.41 6.52 19.21
C LYS A 35 13.70 5.94 20.59
N ILE A 36 12.65 5.64 21.35
CA ILE A 36 12.75 4.99 22.65
C ILE A 36 12.83 3.47 22.46
N GLU A 37 13.85 2.85 23.03
CA GLU A 37 14.07 1.42 22.88
C GLU A 37 14.27 0.71 24.22
N ARG A 38 13.91 -0.57 24.24
CA ARG A 38 14.09 -1.40 25.42
C ARG A 38 15.58 -1.52 25.73
N ARG A 39 15.93 -1.51 27.01
CA ARG A 39 17.33 -1.63 27.44
C ARG A 39 17.97 -2.95 27.01
N GLY A 40 19.18 -2.87 26.46
CA GLY A 40 20.00 -4.05 26.16
C GLY A 40 19.76 -4.66 24.79
N SER A 41 18.49 -4.90 24.47
CA SER A 41 18.10 -5.55 23.23
C SER A 41 17.56 -4.56 22.20
N GLY A 42 16.84 -3.54 22.67
CA GLY A 42 16.24 -2.53 21.79
C GLY A 42 15.19 -3.12 20.85
N ASP A 43 14.90 -2.40 19.77
CA ASP A 43 13.94 -2.85 18.75
C ASP A 43 14.31 -4.25 18.28
N MET A 44 13.36 -5.19 18.35
CA MET A 44 13.61 -6.58 17.97
C MET A 44 14.18 -6.79 16.55
N THR A 45 13.97 -5.84 15.64
CA THR A 45 14.53 -5.96 14.28
C THR A 45 16.06 -5.90 14.26
N ARG A 46 16.67 -5.29 15.27
CA ARG A 46 18.13 -5.24 15.37
C ARG A 46 18.77 -6.62 15.24
N GLY A 47 18.17 -7.62 15.87
CA GLY A 47 18.69 -8.98 15.87
C GLY A 47 17.92 -9.98 15.01
N TRP A 48 17.08 -9.48 14.09
CA TRP A 48 16.31 -10.34 13.18
C TRP A 48 16.94 -10.34 11.79
N LEU A 49 17.22 -11.54 11.26
CA LEU A 49 17.70 -11.70 9.89
C LEU A 49 19.03 -10.95 9.65
N GLN A 50 19.91 -10.96 10.64
CA GLN A 50 21.22 -10.31 10.52
C GLN A 50 22.04 -10.97 9.42
N ASP A 51 22.76 -10.17 8.64
CA ASP A 51 23.65 -10.70 7.62
C ASP A 51 25.08 -10.85 8.14
N LYS A 52 25.41 -10.09 9.19
CA LYS A 52 26.72 -10.14 9.82
C LYS A 52 26.55 -10.33 11.32
N PRO A 53 27.33 -11.23 11.93
CA PRO A 53 27.29 -11.34 13.37
C PRO A 53 27.77 -10.03 14.01
N ASN A 54 27.19 -9.65 15.14
CA ASN A 54 27.57 -8.43 15.87
C ASN A 54 27.26 -7.13 15.09
N VAL A 55 26.31 -7.16 14.16
CA VAL A 55 25.92 -5.96 13.43
C VAL A 55 24.40 -5.90 13.29
N ASP A 56 23.82 -4.72 13.53
CA ASP A 56 22.37 -4.52 13.38
C ASP A 56 21.95 -4.96 11.98
N SER A 57 20.83 -5.68 11.92
CA SER A 57 20.36 -6.22 10.64
C SER A 57 19.96 -5.12 9.67
N LEU A 58 19.85 -5.48 8.39
CA LEU A 58 19.31 -4.59 7.37
C LEU A 58 17.82 -4.33 7.64
N TYR A 59 17.16 -5.28 8.31
CA TYR A 59 15.77 -5.06 8.73
C TYR A 59 15.71 -3.80 9.60
N PHE A 60 16.62 -3.70 10.56
CA PHE A 60 16.70 -2.51 11.41
C PHE A 60 17.13 -1.26 10.63
N THR A 61 18.26 -1.34 9.93
CA THR A 61 18.86 -0.13 9.36
C THR A 61 17.98 0.52 8.27
N MET A 62 17.28 -0.30 7.50
CA MET A 62 16.42 0.22 6.41
C MET A 62 15.10 0.81 6.91
N PHE A 63 14.80 0.63 8.19
CA PHE A 63 13.58 1.19 8.79
C PHE A 63 13.86 2.23 9.88
N ASN A 64 15.14 2.52 10.16
CA ASN A 64 15.47 3.38 11.29
C ASN A 64 16.55 4.43 11.01
N CYS A 65 16.76 4.73 9.74
CA CYS A 65 17.54 5.90 9.35
C CYS A 65 16.85 7.20 9.81
N ASN A 66 17.64 8.26 9.95
CA ASN A 66 17.16 9.58 10.38
C ASN A 66 16.44 9.54 11.75
N LYS A 67 17.02 8.81 12.70
CA LYS A 67 16.51 8.72 14.07
C LYS A 67 17.67 8.71 15.06
N ARG A 68 17.39 9.15 16.29
CA ARG A 68 18.31 8.99 17.42
C ARG A 68 17.75 7.94 18.38
N SER A 69 18.64 7.22 19.07
CA SER A 69 18.25 6.12 19.97
C SER A 69 18.57 6.42 21.43
N ILE A 70 17.55 6.29 22.28
CA ILE A 70 17.71 6.29 23.74
C ILE A 70 17.13 4.99 24.31
N GLU A 71 17.87 4.38 25.24
CA GLU A 71 17.38 3.22 25.98
C GLU A 71 16.60 3.70 27.20
N LEU A 72 15.49 3.03 27.49
CA LEU A 72 14.62 3.46 28.57
C LEU A 72 13.78 2.30 29.09
N ASP A 73 13.88 2.03 30.39
CA ASP A 73 12.96 1.13 31.06
C ASP A 73 11.77 1.96 31.51
N MET A 74 10.66 1.83 30.80
CA MET A 74 9.46 2.66 31.05
C MET A 74 8.59 2.15 32.21
N LYS A 75 8.90 0.98 32.74
CA LYS A 75 8.21 0.44 33.92
C LYS A 75 8.98 0.73 35.23
N THR A 76 9.79 1.78 35.22
CA THR A 76 10.41 2.32 36.43
C THR A 76 9.84 3.72 36.67
N PRO A 77 9.76 4.16 37.94
CA PRO A 77 9.27 5.52 38.21
C PRO A 77 10.09 6.62 37.55
N GLU A 78 11.40 6.43 37.47
CA GLU A 78 12.29 7.42 36.85
C GLU A 78 12.04 7.49 35.34
N GLY A 79 11.81 6.33 34.72
CA GLY A 79 11.49 6.24 33.30
C GLY A 79 10.21 6.99 32.94
N LYS A 80 9.18 6.83 33.76
CA LYS A 80 7.90 7.52 33.54
C LYS A 80 8.05 9.03 33.69
N GLU A 81 8.87 9.46 34.64
CA GLU A 81 9.14 10.89 34.83
C GLU A 81 9.84 11.48 33.60
N LEU A 82 10.79 10.73 33.03
CA LEU A 82 11.49 11.15 31.82
C LEU A 82 10.51 11.30 30.64
N LEU A 83 9.59 10.35 30.51
CA LEU A 83 8.56 10.40 29.46
C LEU A 83 7.69 11.66 29.55
N GLU A 84 7.33 12.05 30.76
CA GLU A 84 6.55 13.28 30.97
C GLU A 84 7.29 14.51 30.46
N GLN A 85 8.59 14.58 30.74
CA GLN A 85 9.43 15.69 30.26
C GLN A 85 9.54 15.69 28.74
N MET A 86 9.73 14.50 28.17
CA MET A 86 9.85 14.34 26.72
C MET A 86 8.54 14.63 25.99
N ILE A 87 7.42 14.18 26.56
CA ILE A 87 6.09 14.45 26.00
C ILE A 87 5.80 15.96 25.90
N LYS A 88 6.20 16.71 26.93
CA LYS A 88 6.02 18.16 26.95
C LYS A 88 6.82 18.89 25.86
N LYS A 89 7.87 18.23 25.35
CA LYS A 89 8.72 18.79 24.29
C LYS A 89 8.31 18.29 22.89
N ALA A 90 7.41 17.31 22.84
CA ALA A 90 7.06 16.64 21.58
C ALA A 90 5.85 17.27 20.88
N ASP A 91 5.86 17.18 19.55
CA ASP A 91 4.71 17.54 18.70
C ASP A 91 3.87 16.29 18.41
N VAL A 92 4.53 15.15 18.27
CA VAL A 92 3.85 13.89 17.96
C VAL A 92 4.43 12.73 18.76
N MET A 93 3.54 11.91 19.31
CA MET A 93 3.92 10.64 19.91
C MET A 93 3.43 9.51 19.01
N VAL A 94 4.32 8.58 18.67
CA VAL A 94 3.94 7.46 17.80
C VAL A 94 4.26 6.13 18.50
N GLU A 95 3.29 5.21 18.47
CA GLU A 95 3.49 3.88 19.07
C GLU A 95 2.79 2.77 18.30
N ASN A 96 3.39 1.58 18.32
CA ASN A 96 2.73 0.37 17.82
C ASN A 96 3.01 -0.82 18.74
N PHE A 97 2.74 -0.58 20.02
CA PHE A 97 2.67 -1.64 21.02
C PHE A 97 1.34 -2.39 20.84
N GLY A 98 1.16 -3.45 21.61
CA GLY A 98 -0.12 -4.15 21.65
C GLY A 98 -1.21 -3.27 22.22
N PRO A 99 -2.49 -3.64 21.98
CA PRO A 99 -3.64 -2.95 22.55
C PRO A 99 -3.53 -2.68 24.05
N GLY A 100 -3.70 -1.41 24.45
CA GLY A 100 -3.71 -1.02 25.86
C GLY A 100 -2.35 -0.88 26.54
N ALA A 101 -1.26 -1.21 25.84
CA ALA A 101 0.07 -1.22 26.44
C ALA A 101 0.50 0.16 26.96
N LEU A 102 0.32 1.18 26.14
CA LEU A 102 0.65 2.55 26.53
C LEU A 102 -0.23 3.03 27.69
N ASP A 103 -1.51 2.65 27.65
CA ASP A 103 -2.45 2.97 28.73
C ASP A 103 -1.97 2.36 30.06
N ARG A 104 -1.57 1.09 30.02
CA ARG A 104 -1.13 0.37 31.22
C ARG A 104 0.17 0.94 31.80
N MET A 105 0.93 1.68 30.99
CA MET A 105 2.09 2.43 31.48
C MET A 105 1.69 3.70 32.22
N GLY A 106 0.42 4.10 32.10
CA GLY A 106 -0.10 5.30 32.76
C GLY A 106 -0.27 6.49 31.83
N PHE A 107 0.01 6.29 30.54
CA PHE A 107 -0.07 7.36 29.56
C PHE A 107 -1.26 7.14 28.63
N THR A 108 -2.44 7.27 29.21
CA THR A 108 -3.69 7.30 28.46
C THR A 108 -3.77 8.62 27.71
N TRP A 109 -4.61 8.66 26.67
CA TRP A 109 -4.80 9.87 25.88
C TRP A 109 -5.21 11.04 26.77
N GLU A 110 -6.10 10.78 27.72
CA GLU A 110 -6.59 11.81 28.64
C GLU A 110 -5.42 12.41 29.44
N TYR A 111 -4.53 11.56 29.94
CA TYR A 111 -3.38 12.03 30.72
C TYR A 111 -2.36 12.78 29.85
N ILE A 112 -2.15 12.29 28.63
CA ILE A 112 -1.26 12.93 27.66
C ILE A 112 -1.71 14.35 27.34
N GLN A 113 -3.01 14.54 27.16
CA GLN A 113 -3.59 15.86 26.90
C GLN A 113 -3.28 16.86 28.02
N GLU A 114 -3.28 16.37 29.26
CA GLU A 114 -2.96 17.19 30.43
C GLU A 114 -1.48 17.58 30.44
N LEU A 115 -0.61 16.63 30.10
CA LEU A 115 0.83 16.88 30.02
C LEU A 115 1.15 17.89 28.93
N ASN A 116 0.49 17.75 27.78
CA ASN A 116 0.75 18.63 26.62
C ASN A 116 -0.49 18.73 25.73
N PRO A 117 -1.23 19.85 25.83
CA PRO A 117 -2.41 20.10 24.99
C PRO A 117 -2.15 20.19 23.48
N ARG A 118 -0.89 20.29 23.07
CA ARG A 118 -0.53 20.40 21.65
C ARG A 118 -0.07 19.08 21.02
N VAL A 119 0.28 18.08 21.82
CA VAL A 119 0.86 16.85 21.29
C VAL A 119 -0.18 15.97 20.59
N ILE A 120 0.23 15.37 19.48
CA ILE A 120 -0.59 14.41 18.73
C ILE A 120 -0.18 13.00 19.11
N LEU A 121 -1.15 12.15 19.44
CA LEU A 121 -0.89 10.74 19.70
C LEU A 121 -1.31 9.91 18.48
N ALA A 122 -0.35 9.18 17.91
CA ALA A 122 -0.57 8.34 16.72
C ALA A 122 -0.29 6.88 17.03
N SER A 123 -1.21 5.99 16.64
CA SER A 123 -1.11 4.58 16.96
CA SER A 123 -1.13 4.57 16.97
C SER A 123 -1.41 3.67 15.77
N VAL A 124 -0.64 2.60 15.63
CA VAL A 124 -0.96 1.51 14.72
C VAL A 124 -1.40 0.30 15.57
N LYS A 125 -2.56 -0.25 15.25
CA LYS A 125 -3.04 -1.47 15.89
C LYS A 125 -3.51 -2.45 14.80
N GLY A 126 -3.74 -3.70 15.19
CA GLY A 126 -4.22 -4.71 14.25
C GLY A 126 -5.64 -4.41 13.78
N TYR A 127 -6.52 -4.16 14.73
CA TYR A 127 -7.93 -3.84 14.46
C TYR A 127 -8.32 -2.51 15.09
N ALA A 128 -9.36 -1.89 14.53
CA ALA A 128 -9.84 -0.60 15.00
C ALA A 128 -10.45 -0.70 16.40
N GLU A 129 -10.36 0.38 17.16
CA GLU A 129 -11.02 0.48 18.46
C GLU A 129 -12.53 0.30 18.26
N GLY A 130 -13.13 -0.60 19.04
CA GLY A 130 -14.56 -0.90 18.93
C GLY A 130 -14.84 -2.17 18.13
N HIS A 131 -13.82 -2.70 17.47
CA HIS A 131 -13.90 -3.95 16.70
C HIS A 131 -13.97 -5.12 17.68
N ALA A 132 -14.65 -6.19 17.28
CA ALA A 132 -14.69 -7.41 18.08
C ALA A 132 -13.30 -7.96 18.38
N ASN A 133 -12.37 -7.77 17.44
CA ASN A 133 -10.98 -8.22 17.59
C ASN A 133 -10.01 -7.11 18.00
N GLU A 134 -10.50 -6.04 18.64
CA GLU A 134 -9.64 -4.89 18.94
C GLU A 134 -8.44 -5.24 19.85
N HIS A 135 -8.55 -6.31 20.64
CA HIS A 135 -7.50 -6.69 21.59
C HIS A 135 -6.46 -7.68 21.04
N LEU A 136 -6.58 -8.03 19.76
CA LEU A 136 -5.65 -9.01 19.16
C LEU A 136 -4.33 -8.39 18.72
N LYS A 137 -3.25 -9.15 18.93
CA LYS A 137 -1.93 -8.82 18.40
C LYS A 137 -1.81 -9.38 16.99
N VAL A 138 -1.43 -8.53 16.05
CA VAL A 138 -1.46 -8.87 14.62
C VAL A 138 -0.10 -8.66 13.98
N TYR A 139 0.33 -9.64 13.17
CA TYR A 139 1.54 -9.51 12.37
C TYR A 139 1.19 -9.34 10.87
N GLU A 140 2.20 -9.00 10.06
CA GLU A 140 2.04 -8.70 8.62
C GLU A 140 1.00 -9.56 7.89
N ASN A 141 1.28 -10.86 7.76
CA ASN A 141 0.46 -11.73 6.92
C ASN A 141 -0.94 -11.97 7.49
N VAL A 142 -1.07 -11.96 8.82
CA VAL A 142 -2.39 -12.06 9.45
C VAL A 142 -3.25 -10.84 9.08
N ALA A 143 -2.63 -9.65 9.02
CA ALA A 143 -3.35 -8.43 8.61
C ALA A 143 -3.76 -8.52 7.13
N GLN A 144 -2.89 -9.02 6.27
CA GLN A 144 -3.26 -9.25 4.86
C GLN A 144 -4.48 -10.17 4.75
N CYS A 145 -4.51 -11.20 5.59
CA CYS A 145 -5.63 -12.14 5.63
C CYS A 145 -6.91 -11.48 6.18
N SER A 146 -6.78 -10.65 7.21
CA SER A 146 -7.93 -9.96 7.82
C SER A 146 -8.59 -8.92 6.90
N GLY A 147 -7.81 -8.34 5.99
CA GLY A 147 -8.27 -7.22 5.17
C GLY A 147 -8.73 -7.52 3.75
N GLY A 148 -8.75 -8.80 3.38
CA GLY A 148 -9.29 -9.21 2.09
C GLY A 148 -8.26 -9.48 1.01
N ALA A 149 -7.00 -9.09 1.24
CA ALA A 149 -5.93 -9.25 0.24
C ALA A 149 -5.58 -10.71 -0.06
N ALA A 150 -5.38 -11.50 1.00
CA ALA A 150 -5.06 -12.92 0.84
C ALA A 150 -6.12 -13.67 0.03
N ALA A 151 -7.40 -13.43 0.34
CA ALA A 151 -8.52 -14.07 -0.35
C ALA A 151 -8.57 -13.73 -1.83
N THR A 152 -8.14 -12.53 -2.21
CA THR A 152 -8.26 -12.07 -3.58
C THR A 152 -6.91 -12.04 -4.32
N THR A 153 -5.89 -12.67 -3.76
CA THR A 153 -4.55 -12.70 -4.35
C THR A 153 -4.12 -14.14 -4.62
N GLY A 154 -3.62 -14.39 -5.83
CA GLY A 154 -3.19 -15.72 -6.24
C GLY A 154 -4.07 -16.30 -7.33
N PHE A 155 -4.14 -17.63 -7.39
CA PHE A 155 -4.91 -18.32 -8.44
C PHE A 155 -6.11 -19.08 -7.88
N TRP A 156 -7.13 -19.21 -8.74
CA TRP A 156 -8.41 -19.87 -8.43
C TRP A 156 -8.25 -21.34 -8.03
N ASP A 157 -7.18 -21.97 -8.52
CA ASP A 157 -6.89 -23.38 -8.21
C ASP A 157 -5.78 -23.54 -7.17
N GLY A 158 -5.45 -22.45 -6.47
CA GLY A 158 -4.46 -22.48 -5.38
C GLY A 158 -5.00 -21.84 -4.12
N PRO A 159 -4.15 -21.70 -3.08
CA PRO A 159 -4.57 -21.11 -1.82
C PRO A 159 -4.64 -19.58 -1.83
N PRO A 160 -5.29 -19.00 -0.81
CA PRO A 160 -5.07 -17.57 -0.56
C PRO A 160 -3.56 -17.32 -0.50
N THR A 161 -3.12 -16.19 -1.04
CA THR A 161 -1.69 -15.93 -1.20
C THR A 161 -1.33 -14.57 -0.62
N VAL A 162 -0.29 -14.55 0.21
CA VAL A 162 0.23 -13.31 0.76
C VAL A 162 1.03 -12.57 -0.31
N SER A 163 0.96 -11.25 -0.26
CA SER A 163 1.71 -10.37 -1.15
CA SER A 163 1.70 -10.39 -1.15
C SER A 163 3.10 -10.14 -0.61
N GLY A 164 4.08 -10.03 -1.51
CA GLY A 164 5.45 -9.71 -1.15
C GLY A 164 5.55 -8.28 -0.61
N ALA A 165 4.66 -7.40 -1.07
CA ALA A 165 4.57 -6.04 -0.57
C ALA A 165 4.01 -6.04 0.85
N ALA A 166 4.55 -5.15 1.70
CA ALA A 166 4.14 -5.04 3.10
C ALA A 166 2.79 -4.33 3.25
N LEU A 167 1.73 -5.00 2.81
CA LEU A 167 0.36 -4.50 2.86
C LEU A 167 -0.14 -4.30 4.30
N GLY A 168 0.34 -5.15 5.21
CA GLY A 168 -0.02 -5.05 6.61
C GLY A 168 0.76 -3.98 7.35
N ASP A 169 2.09 -3.98 7.20
CA ASP A 169 2.96 -3.17 8.06
C ASP A 169 3.30 -1.82 7.46
N SER A 170 4.21 -1.77 6.47
CA SER A 170 4.62 -0.50 5.89
C SER A 170 3.42 0.31 5.39
N ASN A 171 2.48 -0.37 4.75
CA ASN A 171 1.24 0.28 4.27
C ASN A 171 0.48 0.97 5.41
N SER A 172 0.37 0.29 6.55
CA SER A 172 -0.30 0.89 7.71
C SER A 172 0.47 2.10 8.25
N GLY A 173 1.81 2.03 8.24
CA GLY A 173 2.65 3.16 8.61
C GLY A 173 2.50 4.39 7.73
N MET A 174 2.40 4.18 6.42
CA MET A 174 2.18 5.28 5.48
C MET A 174 0.80 5.90 5.70
N HIS A 175 -0.20 5.07 5.95
CA HIS A 175 -1.54 5.56 6.30
C HIS A 175 -1.50 6.39 7.60
N LEU A 176 -0.76 5.92 8.60
CA LEU A 176 -0.64 6.68 9.84
C LEU A 176 0.05 8.03 9.60
N MET A 177 1.03 8.08 8.70
CA MET A 177 1.63 9.35 8.31
C MET A 177 0.59 10.34 7.77
N ILE A 178 -0.37 9.86 6.97
CA ILE A 178 -1.47 10.71 6.52
C ILE A 178 -2.27 11.25 7.73
N GLY A 179 -2.63 10.36 8.64
CA GLY A 179 -3.34 10.76 9.87
C GLY A 179 -2.60 11.81 10.67
N ILE A 180 -1.30 11.60 10.89
CA ILE A 180 -0.44 12.54 11.62
C ILE A 180 -0.39 13.91 10.96
N LEU A 181 -0.15 13.93 9.65
CA LEU A 181 -0.09 15.19 8.91
C LEU A 181 -1.43 15.93 8.90
N ALA A 182 -2.51 15.17 8.83
CA ALA A 182 -3.86 15.73 8.93
C ALA A 182 -4.08 16.40 10.29
N ALA A 183 -3.64 15.73 11.36
CA ALA A 183 -3.72 16.27 12.71
C ALA A 183 -2.84 17.51 12.90
N LEU A 184 -1.67 17.55 12.25
CA LEU A 184 -0.85 18.76 12.23
C LEU A 184 -1.56 19.93 11.54
N GLU A 185 -2.24 19.65 10.44
CA GLU A 185 -2.93 20.69 9.67
C GLU A 185 -4.04 21.34 10.49
N ILE A 186 -4.85 20.52 11.16
CA ILE A 186 -5.95 21.03 11.98
C ILE A 186 -5.46 21.75 13.25
N ARG A 187 -4.28 21.39 13.74
CA ARG A 187 -3.69 22.02 14.93
C ARG A 187 -3.32 23.49 14.69
N HIS A 188 -3.00 23.85 13.44
CA HIS A 188 -2.79 25.25 13.07
C HIS A 188 -4.05 26.09 13.30
N LYS A 189 -5.22 25.46 13.21
CA LYS A 189 -6.49 26.12 13.50
C LYS A 189 -6.84 26.07 15.00
N THR A 190 -6.82 24.88 15.58
CA THR A 190 -7.32 24.65 16.94
C THR A 190 -6.30 24.91 18.06
N GLY A 191 -5.01 24.80 17.73
CA GLY A 191 -3.95 24.84 18.74
C GLY A 191 -3.95 23.62 19.64
N ARG A 192 -4.61 22.55 19.21
CA ARG A 192 -4.75 21.35 20.03
C ARG A 192 -4.41 20.09 19.26
N GLY A 193 -3.74 19.16 19.94
CA GLY A 193 -3.45 17.85 19.37
C GLY A 193 -4.67 16.95 19.38
N GLN A 194 -4.60 15.88 18.61
CA GLN A 194 -5.65 14.87 18.57
C GLN A 194 -5.04 13.49 18.64
N LYS A 195 -5.87 12.49 18.94
CA LYS A 195 -5.45 11.11 18.83
C LYS A 195 -5.83 10.64 17.43
N VAL A 196 -4.88 10.01 16.75
CA VAL A 196 -5.14 9.36 15.46
C VAL A 196 -4.66 7.90 15.50
N ALA A 197 -5.46 7.00 14.94
CA ALA A 197 -5.13 5.58 14.94
C ALA A 197 -5.44 4.95 13.58
N VAL A 198 -4.56 4.05 13.15
CA VAL A 198 -4.77 3.25 11.94
C VAL A 198 -4.72 1.78 12.28
N ALA A 199 -5.79 1.06 11.94
CA ALA A 199 -5.81 -0.40 12.05
C ALA A 199 -5.20 -1.00 10.79
N MET A 200 -4.37 -2.02 10.98
CA MET A 200 -3.77 -2.76 9.86
C MET A 200 -4.83 -3.35 8.94
N GLN A 201 -5.90 -3.89 9.52
CA GLN A 201 -7.02 -4.41 8.71
C GLN A 201 -7.57 -3.33 7.78
N ASP A 202 -7.71 -2.12 8.31
CA ASP A 202 -8.33 -1.01 7.59
C ASP A 202 -7.42 -0.46 6.48
N ALA A 203 -6.12 -0.37 6.78
CA ALA A 203 -5.14 0.00 5.76
C ALA A 203 -5.11 -1.01 4.59
N VAL A 204 -5.22 -2.30 4.90
CA VAL A 204 -5.31 -3.34 3.88
C VAL A 204 -6.60 -3.19 3.09
N LEU A 205 -7.72 -3.04 3.80
CA LEU A 205 -9.03 -2.93 3.15
C LEU A 205 -9.11 -1.72 2.23
N ASN A 206 -8.48 -0.61 2.62
CA ASN A 206 -8.41 0.59 1.78
C ASN A 206 -7.77 0.28 0.41
N LEU A 207 -6.68 -0.48 0.41
CA LEU A 207 -6.05 -0.85 -0.87
C LEU A 207 -6.84 -1.91 -1.65
N VAL A 208 -7.70 -2.65 -0.95
CA VAL A 208 -8.56 -3.67 -1.56
C VAL A 208 -9.98 -3.10 -1.86
N ARG A 209 -10.12 -1.77 -1.85
CA ARG A 209 -11.39 -1.12 -2.22
C ARG A 209 -11.96 -1.64 -3.53
N ILE A 210 -11.09 -1.84 -4.53
CA ILE A 210 -11.46 -2.38 -5.83
C ILE A 210 -12.14 -3.77 -5.73
N LYS A 211 -11.78 -4.56 -4.72
CA LYS A 211 -12.42 -5.87 -4.53
C LYS A 211 -13.79 -5.76 -3.82
N LEU A 212 -13.99 -4.70 -3.04
CA LEU A 212 -15.32 -4.39 -2.47
C LEU A 212 -16.26 -3.90 -3.59
N ARG A 213 -15.71 -3.18 -4.56
CA ARG A 213 -16.43 -2.90 -5.82
C ARG A 213 -16.89 -4.20 -6.45
N ASP A 214 -15.97 -5.16 -6.58
CA ASP A 214 -16.26 -6.42 -7.24
C ASP A 214 -17.28 -7.26 -6.45
N GLN A 215 -17.19 -7.25 -5.13
CA GLN A 215 -18.13 -8.02 -4.32
C GLN A 215 -19.56 -7.55 -4.55
N GLN A 216 -19.74 -6.23 -4.63
CA GLN A 216 -21.07 -5.66 -4.87
C GLN A 216 -21.56 -5.93 -6.29
N ARG A 217 -20.67 -5.76 -7.26
CA ARG A 217 -20.97 -6.15 -8.65
C ARG A 217 -21.42 -7.61 -8.75
N LEU A 218 -20.71 -8.50 -8.04
CA LEU A 218 -21.02 -9.93 -8.02
C LEU A 218 -22.38 -10.18 -7.41
N GLU A 219 -22.65 -9.53 -6.28
CA GLU A 219 -23.94 -9.64 -5.60
C GLU A 219 -25.08 -9.13 -6.50
N ARG A 220 -24.83 -8.03 -7.20
CA ARG A 220 -25.85 -7.39 -8.01
C ARG A 220 -26.14 -8.10 -9.34
N THR A 221 -25.11 -8.63 -9.99
CA THR A 221 -25.24 -9.12 -11.36
C THR A 221 -24.92 -10.62 -11.55
N GLY A 222 -24.27 -11.22 -10.57
CA GLY A 222 -23.87 -12.62 -10.63
C GLY A 222 -22.64 -12.93 -11.46
N ILE A 223 -21.98 -11.91 -12.02
CA ILE A 223 -20.80 -12.12 -12.87
C ILE A 223 -19.80 -10.96 -12.82
N LEU A 224 -18.51 -11.30 -12.96
CA LEU A 224 -17.46 -10.32 -13.15
C LEU A 224 -16.81 -10.60 -14.51
N ALA A 225 -17.22 -9.84 -15.52
CA ALA A 225 -16.91 -10.15 -16.92
C ALA A 225 -15.42 -10.05 -17.28
N GLU A 226 -14.67 -9.25 -16.55
CA GLU A 226 -13.24 -9.06 -16.78
C GLU A 226 -12.35 -10.11 -16.07
N TYR A 227 -12.96 -11.03 -15.32
CA TYR A 227 -12.25 -12.10 -14.61
C TYR A 227 -12.08 -13.33 -15.51
N PRO A 228 -10.97 -14.07 -15.34
CA PRO A 228 -10.78 -15.27 -16.17
C PRO A 228 -11.94 -16.28 -16.07
N GLN A 229 -12.55 -16.41 -14.89
CA GLN A 229 -13.69 -17.32 -14.70
C GLN A 229 -14.92 -16.97 -15.55
N ALA A 230 -15.00 -15.73 -16.04
CA ALA A 230 -16.06 -15.33 -16.98
C ALA A 230 -15.91 -15.97 -18.36
N GLN A 231 -14.70 -16.40 -18.72
CA GLN A 231 -14.48 -17.10 -19.98
C GLN A 231 -14.98 -18.55 -19.86
N PRO A 232 -16.02 -18.92 -20.64
CA PRO A 232 -16.53 -20.29 -20.54
C PRO A 232 -15.44 -21.34 -20.73
N ASN A 233 -15.49 -22.36 -19.88
CA ASN A 233 -14.52 -23.48 -19.86
C ASN A 233 -13.03 -23.11 -19.89
N PHE A 234 -12.67 -22.05 -19.16
CA PHE A 234 -11.26 -21.68 -18.99
C PHE A 234 -10.66 -22.10 -17.64
N ALA A 235 -11.36 -21.82 -16.54
CA ALA A 235 -10.82 -22.01 -15.19
C ALA A 235 -11.38 -23.27 -14.54
N PHE A 236 -10.48 -24.02 -13.90
CA PHE A 236 -10.81 -25.27 -13.23
C PHE A 236 -10.09 -25.35 -11.88
N ASP A 237 -10.70 -26.01 -10.90
CA ASP A 237 -10.08 -26.18 -9.59
C ASP A 237 -9.05 -27.31 -9.62
N ARG A 238 -8.44 -27.61 -8.46
CA ARG A 238 -7.41 -28.66 -8.34
C ARG A 238 -7.84 -30.00 -8.92
N ASP A 239 -9.11 -30.36 -8.69
CA ASP A 239 -9.65 -31.67 -9.07
C ASP A 239 -10.31 -31.67 -10.45
N GLY A 240 -10.16 -30.57 -11.20
CA GLY A 240 -10.70 -30.48 -12.55
C GLY A 240 -12.14 -29.99 -12.66
N ASN A 241 -12.74 -29.61 -11.54
CA ASN A 241 -14.10 -29.07 -11.56
C ASN A 241 -14.12 -27.67 -12.20
N PRO A 242 -15.10 -27.39 -13.06
CA PRO A 242 -15.15 -26.08 -13.70
C PRO A 242 -15.48 -24.95 -12.72
N LEU A 243 -14.89 -23.79 -12.95
CA LEU A 243 -15.13 -22.62 -12.11
C LEU A 243 -15.76 -21.53 -12.96
N SER A 244 -17.07 -21.35 -12.77
CA SER A 244 -17.80 -20.28 -13.43
C SER A 244 -18.50 -19.46 -12.36
N PHE A 245 -18.99 -18.29 -12.75
CA PHE A 245 -19.66 -17.40 -11.81
C PHE A 245 -21.07 -17.87 -11.43
N ASP A 246 -21.57 -18.91 -12.11
CA ASP A 246 -22.79 -19.60 -11.66
C ASP A 246 -22.76 -19.90 -10.16
N ASN A 247 -21.63 -20.39 -9.68
CA ASN A 247 -21.47 -20.86 -8.31
C ASN A 247 -20.53 -20.01 -7.44
N ILE A 248 -20.18 -18.81 -7.90
CA ILE A 248 -19.28 -17.94 -7.14
C ILE A 248 -20.06 -16.83 -6.45
N THR A 249 -19.94 -16.76 -5.12
CA THR A 249 -20.63 -15.75 -4.31
C THR A 249 -19.71 -14.77 -3.58
N SER A 250 -18.40 -15.03 -3.59
CA SER A 250 -17.41 -14.10 -3.02
C SER A 250 -16.29 -13.90 -4.05
N VAL A 251 -15.80 -12.67 -4.13
CA VAL A 251 -14.76 -12.31 -5.12
C VAL A 251 -13.65 -13.35 -5.12
N PRO A 252 -13.42 -14.02 -6.26
CA PRO A 252 -12.42 -15.07 -6.32
C PRO A 252 -11.02 -14.55 -6.66
N ARG A 253 -10.03 -15.42 -6.52
CA ARG A 253 -8.70 -15.17 -7.03
C ARG A 253 -8.73 -15.20 -8.57
N GLY A 254 -8.11 -14.19 -9.17
CA GLY A 254 -8.15 -14.01 -10.64
C GLY A 254 -6.81 -14.20 -11.32
N GLY A 255 -5.87 -14.82 -10.60
CA GLY A 255 -4.53 -15.02 -11.15
C GLY A 255 -3.89 -13.68 -11.46
N ASN A 256 -3.46 -13.49 -12.70
CA ASN A 256 -2.84 -12.25 -13.12
C ASN A 256 -3.74 -11.31 -13.94
N ALA A 257 -5.04 -11.36 -13.68
CA ALA A 257 -6.00 -10.46 -14.34
C ALA A 257 -5.80 -9.00 -13.87
N GLY A 258 -6.46 -8.08 -14.56
CA GLY A 258 -6.12 -6.64 -14.48
C GLY A 258 -6.43 -5.85 -13.22
N GLY A 259 -7.27 -6.38 -12.34
CA GLY A 259 -7.68 -5.61 -11.16
C GLY A 259 -8.33 -4.30 -11.57
N GLY A 260 -7.87 -3.19 -10.98
CA GLY A 260 -8.37 -1.85 -11.31
C GLY A 260 -7.88 -1.30 -12.65
N GLY A 261 -6.86 -1.93 -13.23
CA GLY A 261 -6.42 -1.55 -14.56
C GLY A 261 -7.35 -2.17 -15.59
N GLN A 262 -7.14 -1.81 -16.86
CA GLN A 262 -7.79 -2.51 -17.97
C GLN A 262 -7.33 -3.97 -18.02
N PRO A 263 -8.08 -4.84 -18.70
CA PRO A 263 -7.72 -6.25 -18.72
C PRO A 263 -6.26 -6.50 -19.12
N GLY A 264 -5.63 -7.46 -18.45
CA GLY A 264 -4.24 -7.77 -18.73
C GLY A 264 -3.82 -9.15 -18.26
N TRP A 265 -2.57 -9.50 -18.52
CA TRP A 265 -2.05 -10.79 -18.08
C TRP A 265 -0.51 -10.76 -18.06
N MET A 266 0.05 -11.71 -17.32
CA MET A 266 1.48 -11.91 -17.18
C MET A 266 1.96 -12.90 -18.24
N LEU A 267 2.75 -12.39 -19.19
CA LEU A 267 3.16 -13.16 -20.36
C LEU A 267 4.65 -13.48 -20.35
N LYS A 268 4.97 -14.72 -20.71
CA LYS A 268 6.32 -15.23 -20.72
C LYS A 268 7.13 -14.55 -21.81
N CYS A 269 8.40 -14.30 -21.51
CA CYS A 269 9.36 -13.83 -22.48
C CYS A 269 10.49 -14.85 -22.58
N LYS A 270 11.39 -14.65 -23.54
CA LYS A 270 12.50 -15.57 -23.75
C LYS A 270 13.23 -15.82 -22.43
N GLY A 271 13.44 -17.10 -22.12
CA GLY A 271 14.24 -17.51 -20.96
C GLY A 271 13.42 -17.81 -19.71
N TRP A 272 12.10 -17.78 -19.84
CA TRP A 272 11.20 -18.00 -18.70
C TRP A 272 11.39 -19.35 -17.99
N GLU A 273 11.84 -20.38 -18.72
CA GLU A 273 12.02 -21.70 -18.12
C GLU A 273 13.11 -21.71 -17.04
N THR A 274 14.13 -20.87 -17.22
CA THR A 274 15.29 -20.80 -16.33
C THR A 274 15.50 -19.41 -15.69
N ASP A 275 14.54 -18.50 -15.85
CA ASP A 275 14.61 -17.15 -15.27
C ASP A 275 13.24 -16.82 -14.73
N ALA A 276 13.11 -16.77 -13.41
CA ALA A 276 11.82 -16.61 -12.74
C ALA A 276 11.11 -15.28 -13.04
N ASP A 277 11.87 -14.29 -13.50
CA ASP A 277 11.30 -12.96 -13.72
C ASP A 277 11.31 -12.54 -15.19
N SER A 278 11.48 -13.49 -16.11
CA SER A 278 11.44 -13.20 -17.55
C SER A 278 9.99 -13.18 -18.05
N TYR A 279 9.30 -12.11 -17.68
CA TYR A 279 7.89 -11.88 -18.00
C TYR A 279 7.62 -10.39 -18.21
N VAL A 280 6.56 -10.09 -18.97
CA VAL A 280 5.99 -8.74 -19.00
C VAL A 280 4.53 -8.81 -18.56
N TYR A 281 4.02 -7.69 -18.07
CA TYR A 281 2.57 -7.52 -17.93
C TYR A 281 2.09 -6.78 -19.17
N PHE A 282 1.04 -7.31 -19.81
CA PHE A 282 0.54 -6.77 -21.07
C PHE A 282 -0.96 -6.46 -20.92
N THR A 283 -1.34 -5.22 -21.23
CA THR A 283 -2.71 -4.74 -21.09
C THR A 283 -3.43 -4.70 -22.43
N ILE A 284 -4.66 -5.20 -22.47
CA ILE A 284 -5.56 -5.03 -23.61
C ILE A 284 -6.60 -3.98 -23.22
N ALA A 285 -6.26 -2.72 -23.47
CA ALA A 285 -7.14 -1.59 -23.18
C ALA A 285 -8.15 -1.47 -24.31
N ALA A 286 -9.41 -1.22 -23.95
CA ALA A 286 -10.53 -1.24 -24.89
C ALA A 286 -10.40 -0.24 -26.05
N ASN A 287 -9.69 0.87 -25.82
CA ASN A 287 -9.48 1.88 -26.86
C ASN A 287 -8.21 1.64 -27.70
N MET A 288 -7.60 0.45 -27.55
CA MET A 288 -6.33 0.17 -28.21
C MET A 288 -6.36 -1.09 -29.12
N TRP A 289 -7.54 -1.58 -29.46
CA TRP A 289 -7.63 -2.82 -30.24
C TRP A 289 -6.96 -2.75 -31.62
N PRO A 290 -7.21 -1.69 -32.40
CA PRO A 290 -6.53 -1.54 -33.70
C PRO A 290 -5.00 -1.60 -33.58
N GLN A 291 -4.45 -0.93 -32.58
CA GLN A 291 -3.00 -0.93 -32.33
C GLN A 291 -2.47 -2.35 -32.06
N ILE A 292 -3.19 -3.09 -31.22
CA ILE A 292 -2.79 -4.46 -30.87
C ILE A 292 -2.84 -5.36 -32.11
N CYS A 293 -3.90 -5.22 -32.90
CA CYS A 293 -4.06 -5.98 -34.14
C CYS A 293 -2.89 -5.78 -35.09
N ASP A 294 -2.38 -4.54 -35.17
CA ASP A 294 -1.19 -4.25 -36.00
C ASP A 294 0.03 -4.95 -35.41
N MET A 295 0.25 -4.79 -34.11
CA MET A 295 1.43 -5.38 -33.45
C MET A 295 1.54 -6.88 -33.68
N ILE A 296 0.42 -7.60 -33.54
CA ILE A 296 0.41 -9.06 -33.64
C ILE A 296 0.05 -9.59 -35.03
N ASP A 297 -0.03 -8.67 -36.01
CA ASP A 297 -0.34 -9.03 -37.40
CA ASP A 297 -0.34 -9.02 -37.40
C ASP A 297 -1.67 -9.77 -37.54
N LYS A 298 -2.71 -9.20 -36.94
CA LYS A 298 -4.07 -9.73 -37.08
C LYS A 298 -5.03 -8.64 -37.58
N PRO A 299 -4.80 -8.13 -38.81
CA PRO A 299 -5.69 -7.11 -39.38
C PRO A 299 -7.14 -7.55 -39.48
N GLU A 300 -7.37 -8.85 -39.70
CA GLU A 300 -8.71 -9.42 -39.80
C GLU A 300 -9.52 -9.32 -38.49
N TRP A 301 -8.85 -9.09 -37.36
CA TRP A 301 -9.54 -8.92 -36.08
C TRP A 301 -10.05 -7.49 -35.85
N LYS A 302 -9.63 -6.54 -36.68
CA LYS A 302 -9.99 -5.12 -36.45
C LYS A 302 -11.48 -4.87 -36.58
N ASP A 303 -12.11 -5.42 -37.61
CA ASP A 303 -13.51 -5.11 -37.93
C ASP A 303 -14.48 -6.24 -37.57
N ASP A 304 -13.97 -7.26 -36.87
CA ASP A 304 -14.77 -8.40 -36.45
C ASP A 304 -15.35 -8.12 -35.05
N PRO A 305 -16.69 -8.07 -34.92
CA PRO A 305 -17.31 -7.83 -33.62
C PRO A 305 -17.04 -8.91 -32.57
N ALA A 306 -16.62 -10.10 -33.00
CA ALA A 306 -16.15 -11.15 -32.08
C ALA A 306 -14.85 -10.75 -31.38
N TYR A 307 -14.12 -9.78 -31.95
CA TYR A 307 -12.81 -9.37 -31.44
C TYR A 307 -12.70 -7.90 -31.03
N ASN A 308 -13.49 -7.01 -31.63
CA ASN A 308 -13.22 -5.56 -31.52
C ASN A 308 -13.95 -4.79 -30.41
N THR A 309 -14.64 -5.50 -29.51
CA THR A 309 -15.18 -4.90 -28.28
C THR A 309 -14.81 -5.75 -27.06
N PHE A 310 -14.77 -5.11 -25.89
CA PHE A 310 -14.59 -5.84 -24.63
C PHE A 310 -15.60 -6.98 -24.50
N GLU A 311 -16.85 -6.70 -24.86
CA GLU A 311 -17.95 -7.65 -24.68
C GLU A 311 -17.73 -8.87 -25.58
N GLY A 312 -17.33 -8.62 -26.82
CA GLY A 312 -17.01 -9.68 -27.76
C GLY A 312 -15.82 -10.53 -27.32
N ARG A 313 -14.85 -9.92 -26.64
CA ARG A 313 -13.64 -10.64 -26.22
C ARG A 313 -13.80 -11.49 -24.93
N VAL A 314 -14.92 -11.32 -24.21
CA VAL A 314 -15.11 -12.00 -22.91
C VAL A 314 -14.98 -13.53 -23.02
N ASP A 315 -15.48 -14.11 -24.10
CA ASP A 315 -15.43 -15.57 -24.24
C ASP A 315 -14.09 -16.10 -24.75
N LYS A 316 -13.12 -15.22 -25.00
CA LYS A 316 -11.87 -15.60 -25.65
C LYS A 316 -10.62 -14.84 -25.21
N LEU A 317 -10.72 -14.00 -24.18
CA LEU A 317 -9.59 -13.12 -23.85
C LEU A 317 -8.33 -13.91 -23.51
N MET A 318 -8.48 -15.04 -22.82
CA MET A 318 -7.32 -15.86 -22.46
C MET A 318 -6.68 -16.52 -23.69
N ASP A 319 -7.49 -16.86 -24.70
CA ASP A 319 -6.99 -17.32 -25.99
C ASP A 319 -6.13 -16.21 -26.64
N ILE A 320 -6.62 -14.98 -26.59
CA ILE A 320 -5.93 -13.84 -27.16
C ILE A 320 -4.59 -13.62 -26.45
N PHE A 321 -4.59 -13.63 -25.12
CA PHE A 321 -3.34 -13.50 -24.36
C PHE A 321 -2.34 -14.60 -24.72
N SER A 322 -2.83 -15.84 -24.84
CA SER A 322 -1.99 -16.96 -25.23
CA SER A 322 -1.96 -16.95 -25.22
C SER A 322 -1.33 -16.74 -26.61
N PHE A 323 -2.11 -16.20 -27.54
CA PHE A 323 -1.59 -15.94 -28.88
C PHE A 323 -0.55 -14.81 -28.88
N ILE A 324 -0.85 -13.71 -28.19
CA ILE A 324 0.09 -12.59 -28.05
C ILE A 324 1.42 -13.10 -27.46
N GLU A 325 1.32 -13.96 -26.45
CA GLU A 325 2.49 -14.53 -25.78
C GLU A 325 3.44 -15.27 -26.74
N THR A 326 2.89 -15.96 -27.75
CA THR A 326 3.73 -16.62 -28.76
C THR A 326 4.67 -15.64 -29.49
N LYS A 327 4.26 -14.38 -29.59
CA LYS A 327 5.06 -13.34 -30.27
C LYS A 327 6.29 -12.90 -29.47
N PHE A 328 6.33 -13.26 -28.18
CA PHE A 328 7.43 -12.85 -27.30
C PHE A 328 8.46 -13.95 -27.06
N ALA A 329 8.30 -15.08 -27.74
CA ALA A 329 9.11 -16.27 -27.43
C ALA A 329 10.62 -16.06 -27.64
N ASP A 330 11.00 -15.19 -28.57
CA ASP A 330 12.42 -14.98 -28.88
C ASP A 330 12.93 -13.62 -28.42
N LYS A 331 12.15 -12.92 -27.60
CA LYS A 331 12.50 -11.58 -27.13
C LYS A 331 12.56 -11.53 -25.61
N ASP A 332 13.55 -10.85 -25.05
CA ASP A 332 13.57 -10.67 -23.59
C ASP A 332 12.55 -9.62 -23.17
N LYS A 333 12.33 -9.51 -21.86
CA LYS A 333 11.29 -8.62 -21.33
C LYS A 333 11.50 -7.14 -21.68
N PHE A 334 12.76 -6.72 -21.83
CA PHE A 334 13.08 -5.34 -22.19
C PHE A 334 12.81 -5.09 -23.67
N GLU A 335 13.17 -6.04 -24.53
CA GLU A 335 12.83 -5.97 -25.95
C GLU A 335 11.31 -5.91 -26.16
N VAL A 336 10.57 -6.73 -25.41
CA VAL A 336 9.10 -6.73 -25.50
C VAL A 336 8.51 -5.39 -25.04
N THR A 337 9.01 -4.87 -23.91
CA THR A 337 8.55 -3.58 -23.39
C THR A 337 8.79 -2.45 -24.39
N GLU A 338 9.97 -2.46 -25.02
CA GLU A 338 10.32 -1.46 -26.02
C GLU A 338 9.41 -1.56 -27.24
N TRP A 339 9.13 -2.80 -27.67
CA TRP A 339 8.24 -3.05 -28.81
C TRP A 339 6.82 -2.57 -28.56
N ALA A 340 6.23 -3.00 -27.44
CA ALA A 340 4.90 -2.55 -27.05
C ALA A 340 4.81 -1.02 -26.89
N ALA A 341 5.88 -0.41 -26.37
CA ALA A 341 5.92 1.05 -26.18
C ALA A 341 5.79 1.81 -27.52
N GLN A 342 6.29 1.23 -28.61
CA GLN A 342 6.12 1.81 -29.95
C GLN A 342 4.64 2.02 -30.31
N TYR A 343 3.77 1.14 -29.79
CA TYR A 343 2.34 1.20 -30.03
C TYR A 343 1.58 1.99 -28.96
N GLY A 344 2.28 2.47 -27.92
CA GLY A 344 1.65 3.14 -26.80
C GLY A 344 0.85 2.21 -25.90
N ILE A 345 1.16 0.91 -25.97
CA ILE A 345 0.46 -0.12 -25.19
C ILE A 345 1.04 -0.20 -23.77
N PRO A 346 0.19 -0.03 -22.72
CA PRO A 346 0.66 -0.21 -21.34
C PRO A 346 1.20 -1.62 -21.11
N CYS A 347 2.51 -1.69 -20.91
CA CYS A 347 3.23 -2.95 -20.87
C CYS A 347 4.59 -2.70 -20.26
N GLY A 348 5.00 -3.56 -19.35
CA GLY A 348 6.31 -3.42 -18.75
C GLY A 348 6.85 -4.72 -18.18
N PRO A 349 8.14 -4.73 -17.84
CA PRO A 349 8.79 -5.93 -17.37
C PRO A 349 8.51 -6.23 -15.90
N VAL A 350 8.56 -7.50 -15.54
CA VAL A 350 8.71 -7.90 -14.16
C VAL A 350 10.17 -7.62 -13.77
N MET A 351 10.38 -6.55 -13.01
CA MET A 351 11.71 -6.19 -12.56
C MET A 351 12.09 -7.10 -11.38
N SER A 352 13.25 -7.76 -11.48
CA SER A 352 13.77 -8.57 -10.38
C SER A 352 14.32 -7.63 -9.28
N MET A 353 14.42 -8.13 -8.06
CA MET A 353 14.97 -7.32 -6.99
C MET A 353 16.44 -6.95 -7.27
N LYS A 354 17.20 -7.87 -7.89
CA LYS A 354 18.60 -7.59 -8.27
C LYS A 354 18.67 -6.44 -9.29
N GLU A 355 17.78 -6.46 -10.27
CA GLU A 355 17.70 -5.40 -11.26
C GLU A 355 17.37 -4.05 -10.62
N LEU A 356 16.41 -4.06 -9.70
CA LEU A 356 16.01 -2.83 -9.02
C LEU A 356 17.12 -2.28 -8.11
N ALA A 357 17.83 -3.16 -7.41
CA ALA A 357 18.91 -2.76 -6.51
C ALA A 357 20.06 -2.05 -7.24
N HIS A 358 20.26 -2.38 -8.51
CA HIS A 358 21.37 -1.84 -9.29
C HIS A 358 20.94 -0.95 -10.46
N ASP A 359 19.65 -0.60 -10.50
CA ASP A 359 19.12 0.25 -11.55
C ASP A 359 19.61 1.70 -11.45
N PRO A 360 20.29 2.21 -12.51
CA PRO A 360 20.75 3.61 -12.49
C PRO A 360 19.62 4.65 -12.33
N SER A 361 18.47 4.42 -12.97
CA SER A 361 17.37 5.39 -12.91
C SER A 361 16.86 5.62 -11.49
N LEU A 362 16.63 4.53 -10.75
CA LEU A 362 16.12 4.66 -9.38
C LEU A 362 17.10 5.37 -8.44
N GLN A 363 18.40 5.19 -8.66
CA GLN A 363 19.41 5.92 -7.90
C GLN A 363 19.50 7.39 -8.32
N LYS A 364 19.37 7.65 -9.62
CA LYS A 364 19.33 9.03 -10.14
C LYS A 364 18.23 9.87 -9.48
N VAL A 365 17.03 9.30 -9.38
CA VAL A 365 15.86 10.01 -8.86
C VAL A 365 15.72 9.96 -7.33
N GLY A 366 16.67 9.30 -6.65
CA GLY A 366 16.67 9.25 -5.20
C GLY A 366 15.65 8.31 -4.57
N THR A 367 15.19 7.32 -5.32
CA THR A 367 14.23 6.35 -4.80
C THR A 367 14.95 5.12 -4.21
N VAL A 368 16.05 4.72 -4.83
CA VAL A 368 17.01 3.79 -4.21
C VAL A 368 18.22 4.64 -3.82
N VAL A 369 18.58 4.62 -2.54
CA VAL A 369 19.63 5.48 -2.02
C VAL A 369 20.71 4.69 -1.30
N GLU A 370 21.98 4.98 -1.61
CA GLU A 370 23.09 4.42 -0.83
C GLU A 370 23.29 5.26 0.44
N VAL A 371 23.04 4.63 1.58
CA VAL A 371 23.24 5.25 2.89
C VAL A 371 24.71 5.11 3.30
N VAL A 372 25.33 6.21 3.68
CA VAL A 372 26.70 6.17 4.20
C VAL A 372 26.67 5.70 5.66
N ASP A 373 27.27 4.54 5.92
CA ASP A 373 27.34 3.97 7.26
C ASP A 373 28.76 3.44 7.48
N GLU A 374 29.59 4.22 8.19
CA GLU A 374 30.98 3.84 8.44
C GLU A 374 31.11 2.69 9.42
N ILE A 375 30.14 2.58 10.33
CA ILE A 375 30.16 1.54 11.35
C ILE A 375 29.83 0.16 10.76
N ARG A 376 28.79 0.11 9.94
CA ARG A 376 28.27 -1.17 9.44
C ARG A 376 28.61 -1.44 7.97
N GLY A 377 29.21 -0.45 7.31
CA GLY A 377 29.38 -0.48 5.86
C GLY A 377 28.14 0.09 5.21
N ASN A 378 28.31 0.69 4.03
CA ASN A 378 27.17 1.32 3.34
C ASN A 378 26.10 0.28 2.99
N HIS A 379 24.85 0.75 2.90
CA HIS A 379 23.74 -0.12 2.48
C HIS A 379 22.76 0.67 1.62
N LEU A 380 21.92 -0.05 0.89
CA LEU A 380 20.86 0.54 0.10
C LEU A 380 19.60 0.66 0.95
N THR A 381 18.80 1.67 0.67
CA THR A 381 17.47 1.79 1.22
C THR A 381 16.53 2.40 0.17
N VAL A 382 15.23 2.32 0.42
CA VAL A 382 14.26 3.06 -0.36
C VAL A 382 14.16 4.47 0.24
N GLY A 383 14.30 5.48 -0.61
CA GLY A 383 14.16 6.87 -0.18
C GLY A 383 12.70 7.32 -0.18
N ALA A 384 12.50 8.63 -0.21
CA ALA A 384 11.15 9.19 -0.22
C ALA A 384 10.49 8.97 -1.58
N PRO A 385 9.33 8.28 -1.61
CA PRO A 385 8.62 8.07 -2.88
C PRO A 385 7.88 9.31 -3.42
N PHE A 386 7.81 10.38 -2.63
CA PHE A 386 7.26 11.67 -3.06
C PHE A 386 8.42 12.61 -3.32
N LYS A 387 8.46 13.19 -4.51
CA LYS A 387 9.50 14.14 -4.92
C LYS A 387 8.95 15.56 -4.90
N PHE A 388 9.74 16.48 -4.33
CA PHE A 388 9.31 17.87 -4.12
C PHE A 388 10.21 18.84 -4.87
N SER A 389 9.62 19.92 -5.35
CA SER A 389 10.36 20.97 -6.05
C SER A 389 11.34 21.73 -5.15
N GLY A 390 11.00 21.84 -3.85
CA GLY A 390 11.75 22.70 -2.93
C GLY A 390 12.88 22.04 -2.14
N PHE A 391 12.92 20.71 -2.09
CA PHE A 391 13.91 20.03 -1.26
C PHE A 391 14.10 18.56 -1.61
N GLN A 392 15.20 18.01 -1.11
CA GLN A 392 15.51 16.58 -1.20
C GLN A 392 15.80 16.06 0.20
N PRO A 393 15.38 14.81 0.51
CA PRO A 393 15.79 14.22 1.79
C PRO A 393 17.31 14.06 1.90
N GLU A 394 17.80 14.16 3.13
CA GLU A 394 19.19 13.88 3.45
C GLU A 394 19.19 12.70 4.41
N ILE A 395 19.38 11.50 3.86
CA ILE A 395 19.22 10.27 4.63
C ILE A 395 20.53 9.97 5.39
N THR A 396 20.41 9.69 6.68
CA THR A 396 21.58 9.41 7.53
C THR A 396 21.42 8.11 8.30
N ARG A 397 22.54 7.49 8.68
CA ARG A 397 22.53 6.11 9.16
C ARG A 397 21.68 5.89 10.42
N ALA A 398 21.18 4.67 10.56
CA ALA A 398 20.40 4.25 11.71
C ALA A 398 21.28 4.30 12.96
N PRO A 399 20.69 4.63 14.11
CA PRO A 399 21.47 4.75 15.33
C PRO A 399 21.85 3.40 15.93
N LEU A 400 22.99 3.37 16.63
CA LEU A 400 23.34 2.23 17.47
C LEU A 400 22.44 2.28 18.72
N LEU A 401 22.24 1.13 19.37
CA LEU A 401 21.36 1.08 20.54
C LEU A 401 21.89 1.98 21.66
N GLY A 402 21.04 2.91 22.12
CA GLY A 402 21.40 3.86 23.18
C GLY A 402 22.47 4.88 22.80
N GLU A 403 22.70 5.05 21.50
CA GLU A 403 23.76 5.93 21.00
C GLU A 403 23.59 7.37 21.46
N HIS A 404 22.33 7.81 21.60
CA HIS A 404 22.03 9.21 21.89
C HIS A 404 21.37 9.42 23.25
N THR A 405 21.39 8.39 24.11
CA THR A 405 20.81 8.46 25.44
C THR A 405 21.27 9.72 26.21
N ASP A 406 22.58 9.84 26.42
CA ASP A 406 23.11 10.94 27.22
C ASP A 406 22.87 12.29 26.53
N GLU A 407 23.06 12.33 25.22
CA GLU A 407 22.77 13.51 24.40
C GLU A 407 21.33 14.00 24.61
N VAL A 408 20.38 13.07 24.62
CA VAL A 408 18.96 13.41 24.79
C VAL A 408 18.66 13.83 26.24
N LEU A 409 19.22 13.10 27.21
CA LEU A 409 19.07 13.44 28.63
C LEU A 409 19.62 14.83 28.92
N LYS A 410 20.77 15.16 28.32
CA LYS A 410 21.34 16.51 28.42
C LYS A 410 20.38 17.59 27.92
N GLU A 411 19.72 17.33 26.80
CA GLU A 411 18.74 18.26 26.24
C GLU A 411 17.53 18.50 27.14
N LEU A 412 17.18 17.50 27.94
CA LEU A 412 16.11 17.65 28.93
C LEU A 412 16.55 18.49 30.14
N GLY A 413 17.84 18.81 30.22
CA GLY A 413 18.37 19.69 31.27
C GLY A 413 19.03 18.94 32.41
N LEU A 414 19.11 17.62 32.30
CA LEU A 414 19.73 16.80 33.34
C LEU A 414 21.24 17.05 33.40
N ASP A 415 21.72 17.46 34.57
CA ASP A 415 23.16 17.56 34.81
C ASP A 415 23.78 16.16 34.92
N ASP A 416 25.11 16.11 34.91
CA ASP A 416 25.85 14.85 34.87
C ASP A 416 25.61 13.93 36.07
N ALA A 417 25.14 14.49 37.18
CA ALA A 417 24.90 13.73 38.40
C ALA A 417 23.78 12.70 38.24
N LYS A 418 22.58 13.16 37.87
CA LYS A 418 21.43 12.26 37.74
C LYS A 418 21.55 11.31 36.54
N ILE A 419 22.30 11.71 35.52
CA ILE A 419 22.58 10.82 34.38
C ILE A 419 23.32 9.58 34.88
N LYS A 420 24.31 9.78 35.76
CA LYS A 420 24.99 8.65 36.42
C LYS A 420 24.02 7.79 37.21
N GLU A 421 23.11 8.43 37.94
CA GLU A 421 22.10 7.73 38.74
C GLU A 421 21.24 6.84 37.86
N LEU A 422 20.72 7.41 36.78
CA LEU A 422 19.83 6.71 35.86
C LEU A 422 20.52 5.50 35.25
N HIS A 423 21.77 5.67 34.82
CA HIS A 423 22.60 4.56 34.36
C HIS A 423 22.80 3.53 35.49
N ALA A 424 23.13 4.02 36.68
CA ALA A 424 23.34 3.16 37.86
C ALA A 424 22.07 2.39 38.23
N LYS A 425 20.93 3.07 38.22
CA LYS A 425 19.63 2.44 38.54
C LYS A 425 19.09 1.55 37.42
N GLN A 426 19.77 1.52 36.27
CA GLN A 426 19.33 0.77 35.09
C GLN A 426 18.00 1.32 34.53
N VAL A 427 17.85 2.64 34.59
CA VAL A 427 16.71 3.34 34.00
C VAL A 427 16.97 3.57 32.51
N VAL A 428 18.23 3.86 32.17
CA VAL A 428 18.66 4.01 30.78
C VAL A 428 19.86 3.11 30.51
N THR B 2 -14.91 20.56 13.57
CA THR B 2 -13.98 20.91 12.46
C THR B 2 -13.24 19.68 11.96
N LYS B 3 -13.02 19.63 10.65
CA LYS B 3 -12.27 18.54 10.02
C LYS B 3 -10.94 19.10 9.53
N PRO B 4 -9.90 18.23 9.44
CA PRO B 4 -8.54 18.69 9.16
C PRO B 4 -8.39 19.54 7.90
N LEU B 5 -9.10 19.18 6.84
CA LEU B 5 -8.97 19.88 5.55
C LEU B 5 -10.16 20.79 5.21
N ASP B 6 -10.99 21.11 6.19
CA ASP B 6 -12.05 22.11 5.97
C ASP B 6 -11.44 23.41 5.45
N GLY B 7 -12.02 23.93 4.37
CA GLY B 7 -11.53 25.16 3.75
C GLY B 7 -10.41 24.97 2.73
N ILE B 8 -9.89 23.76 2.58
CA ILE B 8 -8.88 23.47 1.56
C ILE B 8 -9.59 23.23 0.24
N ASN B 9 -9.28 24.06 -0.75
CA ASN B 9 -9.91 23.98 -2.06
C ASN B 9 -9.04 23.20 -3.04
N VAL B 10 -9.58 22.10 -3.54
CA VAL B 10 -8.85 21.20 -4.45
C VAL B 10 -9.42 21.30 -5.87
N LEU B 11 -8.56 21.69 -6.80
CA LEU B 11 -8.90 21.66 -8.22
C LEU B 11 -8.46 20.29 -8.75
N ASP B 12 -9.43 19.43 -9.01
CA ASP B 12 -9.17 18.00 -9.17
C ASP B 12 -9.33 17.54 -10.62
N PHE B 13 -8.19 17.34 -11.32
CA PHE B 13 -8.18 16.88 -12.70
C PHE B 13 -8.18 15.34 -12.82
N THR B 14 -8.16 14.64 -11.69
CA THR B 14 -7.83 13.21 -11.68
C THR B 14 -8.92 12.30 -12.27
N HIS B 15 -8.46 11.14 -12.73
CA HIS B 15 -9.34 10.14 -13.33
C HIS B 15 -8.80 8.75 -13.05
N VAL B 16 -9.63 7.74 -13.31
CA VAL B 16 -9.31 6.33 -13.02
C VAL B 16 -9.23 6.10 -11.48
N GLN B 17 -8.10 5.63 -10.95
CA GLN B 17 -8.06 5.20 -9.54
C GLN B 17 -7.06 5.94 -8.64
N ALA B 18 -5.78 6.01 -9.02
CA ALA B 18 -4.75 6.58 -8.16
C ALA B 18 -5.04 8.02 -7.73
N GLY B 19 -5.25 8.89 -8.71
CA GLY B 19 -5.57 10.28 -8.42
C GLY B 19 -6.89 10.46 -7.68
N PRO B 20 -7.99 9.90 -8.21
CA PRO B 20 -9.26 10.02 -7.51
C PRO B 20 -9.30 9.43 -6.09
N ALA B 21 -8.53 8.37 -5.79
CA ALA B 21 -8.46 7.89 -4.41
C ALA B 21 -7.88 8.96 -3.47
N CYS B 22 -6.86 9.65 -3.93
CA CYS B 22 -6.22 10.73 -3.18
C CYS B 22 -7.23 11.85 -2.90
N THR B 23 -7.89 12.35 -3.93
CA THR B 23 -8.78 13.50 -3.77
C THR B 23 -10.06 13.14 -3.02
N GLN B 24 -10.55 11.90 -3.17
CA GLN B 24 -11.68 11.43 -2.38
C GLN B 24 -11.36 11.42 -0.89
N MET B 25 -10.19 10.88 -0.54
CA MET B 25 -9.80 10.76 0.85
C MET B 25 -9.56 12.16 1.47
N MET B 26 -9.05 13.09 0.68
CA MET B 26 -8.98 14.51 1.06
C MET B 26 -10.39 15.05 1.33
N GLY B 27 -11.33 14.74 0.44
CA GLY B 27 -12.75 15.05 0.64
C GLY B 27 -13.33 14.48 1.92
N PHE B 28 -12.98 13.22 2.23
CA PHE B 28 -13.43 12.59 3.48
C PHE B 28 -12.94 13.35 4.72
N LEU B 29 -11.78 14.00 4.61
CA LEU B 29 -11.22 14.77 5.73
C LEU B 29 -11.59 16.26 5.67
N GLY B 30 -12.54 16.62 4.81
CA GLY B 30 -13.17 17.94 4.81
C GLY B 30 -12.87 18.84 3.63
N ALA B 31 -11.96 18.42 2.75
CA ALA B 31 -11.58 19.26 1.60
C ALA B 31 -12.73 19.49 0.63
N ASN B 32 -12.70 20.68 0.01
CA ASN B 32 -13.65 21.07 -1.01
CA ASN B 32 -13.64 21.07 -1.02
C ASN B 32 -13.08 20.68 -2.38
N VAL B 33 -13.58 19.58 -2.93
CA VAL B 33 -13.04 19.00 -4.16
C VAL B 33 -13.94 19.30 -5.36
N ILE B 34 -13.39 20.01 -6.33
CA ILE B 34 -14.07 20.23 -7.61
C ILE B 34 -13.39 19.40 -8.71
N LYS B 35 -14.09 18.35 -9.12
CA LYS B 35 -13.60 17.43 -10.15
C LYS B 35 -13.89 17.96 -11.57
N ILE B 36 -12.83 18.21 -12.32
CA ILE B 36 -12.93 18.56 -13.75
C ILE B 36 -13.03 17.29 -14.59
N GLU B 37 -14.07 17.21 -15.42
CA GLU B 37 -14.30 16.02 -16.24
C GLU B 37 -14.46 16.32 -17.72
N ARG B 38 -14.13 15.32 -18.53
CA ARG B 38 -14.32 15.36 -19.97
C ARG B 38 -15.82 15.52 -20.28
N ARG B 39 -16.16 16.42 -21.20
CA ARG B 39 -17.55 16.61 -21.62
C ARG B 39 -18.13 15.31 -22.19
N GLY B 40 -19.37 15.02 -21.83
CA GLY B 40 -20.11 13.88 -22.39
C GLY B 40 -19.86 12.56 -21.70
N SER B 41 -18.59 12.15 -21.64
CA SER B 41 -18.22 10.84 -21.08
C SER B 41 -17.64 10.93 -19.66
N GLY B 42 -17.03 12.07 -19.33
CA GLY B 42 -16.43 12.28 -18.01
C GLY B 42 -15.28 11.32 -17.71
N ASP B 43 -14.99 11.14 -16.43
CA ASP B 43 -14.00 10.18 -15.94
C ASP B 43 -14.35 8.82 -16.53
N MET B 44 -13.37 8.15 -17.14
CA MET B 44 -13.62 6.85 -17.79
C MET B 44 -14.22 5.78 -16.86
N THR B 45 -14.04 5.92 -15.54
CA THR B 45 -14.65 4.97 -14.59
C THR B 45 -16.18 4.97 -14.60
N ARG B 46 -16.80 6.07 -15.00
CA ARG B 46 -18.27 6.16 -15.04
C ARG B 46 -18.90 5.04 -15.88
N GLY B 47 -18.33 4.78 -17.06
CA GLY B 47 -18.85 3.74 -17.95
C GLY B 47 -18.13 2.40 -17.84
N TRP B 48 -17.28 2.27 -16.83
CA TRP B 48 -16.36 1.13 -16.71
C TRP B 48 -17.03 0.04 -15.87
N LEU B 49 -17.39 -1.07 -16.51
CA LEU B 49 -18.06 -2.20 -15.86
C LEU B 49 -19.28 -1.80 -15.02
N GLN B 50 -20.19 -1.08 -15.67
CA GLN B 50 -21.46 -0.71 -15.05
C GLN B 50 -22.24 -1.98 -14.65
N ASP B 51 -22.94 -1.91 -13.52
CA ASP B 51 -23.83 -2.99 -13.11
C ASP B 51 -25.27 -2.73 -13.60
N LYS B 52 -25.57 -1.48 -13.94
CA LYS B 52 -26.85 -1.09 -14.51
C LYS B 52 -26.63 -0.15 -15.70
N PRO B 53 -27.33 -0.40 -16.84
CA PRO B 53 -27.18 0.46 -18.02
C PRO B 53 -27.44 1.93 -17.71
N ASN B 54 -26.56 2.79 -18.21
CA ASN B 54 -26.70 4.25 -18.10
C ASN B 54 -26.71 4.76 -16.66
N VAL B 55 -26.14 3.99 -15.75
CA VAL B 55 -25.94 4.42 -14.36
C VAL B 55 -24.45 4.34 -14.07
N ASP B 56 -23.91 5.36 -13.40
CA ASP B 56 -22.48 5.39 -13.08
C ASP B 56 -22.09 4.13 -12.34
N SER B 57 -20.94 3.57 -12.70
CA SER B 57 -20.48 2.30 -12.15
C SER B 57 -20.07 2.44 -10.70
N LEU B 58 -19.94 1.30 -10.02
CA LEU B 58 -19.40 1.24 -8.66
C LEU B 58 -17.93 1.65 -8.61
N TYR B 59 -17.19 1.38 -9.69
CA TYR B 59 -15.81 1.89 -9.82
C TYR B 59 -15.83 3.41 -9.63
N PHE B 60 -16.73 4.09 -10.34
CA PHE B 60 -16.85 5.53 -10.19
C PHE B 60 -17.32 5.96 -8.80
N THR B 61 -18.44 5.42 -8.32
CA THR B 61 -19.04 5.93 -7.07
C THR B 61 -18.15 5.69 -5.84
N MET B 62 -17.44 4.56 -5.82
CA MET B 62 -16.57 4.21 -4.68
C MET B 62 -15.26 4.99 -4.63
N PHE B 63 -14.96 5.75 -5.68
CA PHE B 63 -13.75 6.57 -5.75
C PHE B 63 -14.05 8.08 -5.92
N ASN B 64 -15.33 8.46 -5.95
CA ASN B 64 -15.69 9.87 -6.22
C ASN B 64 -16.81 10.47 -5.35
N CYS B 65 -16.99 9.91 -4.15
CA CYS B 65 -17.79 10.53 -3.11
C CYS B 65 -17.08 11.80 -2.58
N ASN B 66 -17.87 12.70 -2.01
CA ASN B 66 -17.37 13.98 -1.48
C ASN B 66 -16.67 14.83 -2.56
N LYS B 67 -17.25 14.86 -3.75
CA LYS B 67 -16.74 15.67 -4.85
C LYS B 67 -17.90 16.32 -5.59
N ARG B 68 -17.64 17.48 -6.17
CA ARG B 68 -18.54 18.10 -7.14
C ARG B 68 -17.96 17.94 -8.52
N SER B 69 -18.82 17.86 -9.54
CA SER B 69 -18.41 17.61 -10.92
C SER B 69 -18.75 18.77 -11.85
N ILE B 70 -17.75 19.21 -12.60
CA ILE B 70 -17.93 20.17 -13.69
C ILE B 70 -17.32 19.59 -14.97
N GLU B 71 -18.06 19.70 -16.08
CA GLU B 71 -17.55 19.32 -17.39
C GLU B 71 -16.80 20.50 -18.01
N LEU B 72 -15.67 20.22 -18.64
CA LEU B 72 -14.84 21.28 -19.22
C LEU B 72 -14.00 20.77 -20.39
N ASP B 73 -14.08 21.45 -21.53
CA ASP B 73 -13.15 21.18 -22.63
C ASP B 73 -11.95 22.11 -22.42
N MET B 74 -10.85 21.52 -21.96
CA MET B 74 -9.65 22.29 -21.62
C MET B 74 -8.79 22.63 -22.84
N LYS B 75 -9.15 22.12 -24.01
CA LYS B 75 -8.43 22.48 -25.25
C LYS B 75 -8.98 23.78 -25.87
N THR B 76 -10.09 24.28 -25.33
CA THR B 76 -10.67 25.56 -25.79
C THR B 76 -10.04 26.73 -25.05
N PRO B 77 -9.94 27.90 -25.71
CA PRO B 77 -9.43 29.11 -25.03
C PRO B 77 -10.28 29.53 -23.82
N GLU B 78 -11.59 29.37 -23.90
CA GLU B 78 -12.48 29.73 -22.78
C GLU B 78 -12.30 28.77 -21.60
N GLY B 79 -12.10 27.49 -21.90
CA GLY B 79 -11.80 26.49 -20.88
C GLY B 79 -10.54 26.81 -20.11
N LYS B 80 -9.48 27.15 -20.85
CA LYS B 80 -8.21 27.57 -20.25
C LYS B 80 -8.38 28.82 -19.37
N GLU B 81 -9.22 29.75 -19.81
CA GLU B 81 -9.52 30.96 -19.03
C GLU B 81 -10.17 30.60 -17.70
N LEU B 82 -11.16 29.72 -17.74
CA LEU B 82 -11.84 29.26 -16.53
C LEU B 82 -10.87 28.55 -15.56
N LEU B 83 -9.96 27.74 -16.11
CA LEU B 83 -8.95 27.07 -15.29
C LEU B 83 -8.08 28.07 -14.54
N GLU B 84 -7.62 29.12 -15.24
CA GLU B 84 -6.83 30.17 -14.60
C GLU B 84 -7.55 30.78 -13.39
N GLN B 85 -8.85 31.03 -13.55
CA GLN B 85 -9.67 31.57 -12.46
C GLN B 85 -9.77 30.60 -11.29
N MET B 86 -9.99 29.33 -11.61
CA MET B 86 -10.13 28.28 -10.60
C MET B 86 -8.80 28.01 -9.88
N ILE B 87 -7.69 28.07 -10.61
CA ILE B 87 -6.36 27.90 -10.02
C ILE B 87 -6.08 28.98 -8.97
N LYS B 88 -6.50 30.21 -9.26
CA LYS B 88 -6.31 31.34 -8.33
C LYS B 88 -7.11 31.18 -7.03
N LYS B 89 -8.15 30.35 -7.04
CA LYS B 89 -8.95 30.05 -5.85
C LYS B 89 -8.57 28.72 -5.19
N ALA B 90 -7.62 28.00 -5.77
CA ALA B 90 -7.26 26.66 -5.29
C ALA B 90 -6.09 26.69 -4.31
N ASP B 91 -6.09 25.73 -3.39
CA ASP B 91 -4.95 25.43 -2.53
C ASP B 91 -4.09 24.31 -3.14
N VAL B 92 -4.76 23.34 -3.77
CA VAL B 92 -4.10 22.18 -4.37
C VAL B 92 -4.72 21.85 -5.73
N MET B 93 -3.86 21.63 -6.73
CA MET B 93 -4.26 21.05 -8.00
C MET B 93 -3.73 19.62 -8.01
N VAL B 94 -4.58 18.67 -8.42
CA VAL B 94 -4.18 17.26 -8.49
C VAL B 94 -4.47 16.69 -9.87
N GLU B 95 -3.49 16.01 -10.46
CA GLU B 95 -3.64 15.42 -11.79
C GLU B 95 -2.91 14.08 -11.92
N ASN B 96 -3.47 13.20 -12.74
CA ASN B 96 -2.79 11.98 -13.15
C ASN B 96 -3.05 11.69 -14.63
N PHE B 97 -2.83 12.71 -15.46
CA PHE B 97 -2.79 12.55 -16.90
C PHE B 97 -1.47 11.89 -17.29
N GLY B 98 -1.37 11.51 -18.57
CA GLY B 98 -0.12 10.96 -19.09
C GLY B 98 1.01 11.97 -19.00
N PRO B 99 2.28 11.51 -19.14
CA PRO B 99 3.43 12.40 -19.06
C PRO B 99 3.32 13.61 -20.00
N GLY B 100 3.51 14.81 -19.45
CA GLY B 100 3.50 16.03 -20.22
C GLY B 100 2.14 16.59 -20.61
N ALA B 101 1.06 15.87 -20.30
CA ALA B 101 -0.28 16.27 -20.75
C ALA B 101 -0.71 17.66 -20.24
N LEU B 102 -0.59 17.88 -18.93
CA LEU B 102 -0.96 19.18 -18.36
C LEU B 102 -0.03 20.31 -18.85
N ASP B 103 1.26 20.01 -19.02
CA ASP B 103 2.22 20.95 -19.60
C ASP B 103 1.76 21.40 -21.00
N ARG B 104 1.36 20.43 -21.82
CA ARG B 104 0.91 20.70 -23.19
C ARG B 104 -0.35 21.56 -23.26
N MET B 105 -1.17 21.50 -22.20
CA MET B 105 -2.34 22.37 -22.08
CA MET B 105 -2.34 22.36 -22.06
C MET B 105 -1.94 23.80 -21.78
N GLY B 106 -0.67 24.02 -21.45
CA GLY B 106 -0.14 25.35 -21.14
C GLY B 106 0.10 25.59 -19.65
N PHE B 107 -0.31 24.63 -18.82
CA PHE B 107 -0.22 24.79 -17.37
C PHE B 107 1.01 24.07 -16.79
N THR B 108 2.18 24.51 -17.22
CA THR B 108 3.46 24.12 -16.63
C THR B 108 3.52 24.63 -15.19
N TRP B 109 4.42 24.05 -14.40
CA TRP B 109 4.59 24.47 -13.00
C TRP B 109 4.97 25.95 -12.91
N GLU B 110 5.85 26.39 -13.81
CA GLU B 110 6.29 27.78 -13.87
C GLU B 110 5.11 28.73 -14.07
N TYR B 111 4.20 28.38 -14.97
CA TYR B 111 3.01 29.20 -15.23
C TYR B 111 2.02 29.17 -14.07
N ILE B 112 1.81 27.99 -13.50
CA ILE B 112 0.94 27.84 -12.32
C ILE B 112 1.42 28.72 -11.16
N GLN B 113 2.72 28.76 -10.92
CA GLN B 113 3.30 29.60 -9.85
C GLN B 113 3.00 31.08 -10.04
N GLU B 114 3.03 31.52 -11.30
CA GLU B 114 2.70 32.89 -11.68
C GLU B 114 1.24 33.21 -11.37
N LEU B 115 0.35 32.28 -11.73
CA LEU B 115 -1.08 32.42 -11.46
C LEU B 115 -1.39 32.49 -9.96
N ASN B 116 -0.75 31.63 -9.18
CA ASN B 116 -1.03 31.52 -7.75
C ASN B 116 0.21 30.99 -7.01
N PRO B 117 0.96 31.89 -6.35
CA PRO B 117 2.17 31.50 -5.62
C PRO B 117 1.93 30.55 -4.43
N ARG B 118 0.69 30.44 -3.97
CA ARG B 118 0.34 29.59 -2.84
C ARG B 118 -0.11 28.18 -3.22
N VAL B 119 -0.44 27.95 -4.49
CA VAL B 119 -1.03 26.67 -4.91
C VAL B 119 0.01 25.55 -4.99
N ILE B 120 -0.41 24.35 -4.58
CA ILE B 120 0.42 23.15 -4.62
C ILE B 120 -0.03 22.32 -5.83
N LEU B 121 0.93 21.89 -6.64
CA LEU B 121 0.65 20.99 -7.77
C LEU B 121 1.09 19.57 -7.39
N ALA B 122 0.18 18.61 -7.50
CA ALA B 122 0.41 17.23 -7.11
C ALA B 122 0.09 16.29 -8.28
N SER B 123 1.01 15.40 -8.62
CA SER B 123 0.85 14.50 -9.78
C SER B 123 1.14 13.05 -9.42
N VAL B 124 0.35 12.14 -9.99
CA VAL B 124 0.72 10.73 -10.06
C VAL B 124 1.30 10.48 -11.45
N LYS B 125 2.46 9.84 -11.49
CA LYS B 125 3.10 9.43 -12.74
C LYS B 125 3.39 7.93 -12.66
N GLY B 126 3.67 7.31 -13.80
CA GLY B 126 4.06 5.90 -13.84
C GLY B 126 5.47 5.70 -13.30
N TYR B 127 6.42 6.43 -13.90
CA TYR B 127 7.82 6.45 -13.47
C TYR B 127 8.19 7.88 -13.08
N ALA B 128 9.19 8.03 -12.21
CA ALA B 128 9.62 9.35 -11.72
C ALA B 128 10.24 10.19 -12.82
N GLU B 129 10.14 11.52 -12.68
CA GLU B 129 10.82 12.44 -13.59
C GLU B 129 12.34 12.20 -13.56
N GLY B 130 12.93 12.08 -14.74
CA GLY B 130 14.35 11.74 -14.87
C GLY B 130 14.63 10.26 -15.11
N HIS B 131 13.65 9.41 -14.83
CA HIS B 131 13.75 7.96 -15.06
C HIS B 131 13.88 7.68 -16.58
N ALA B 132 14.68 6.67 -16.94
CA ALA B 132 14.74 6.19 -18.33
C ALA B 132 13.35 5.94 -18.95
N ASN B 133 12.40 5.50 -18.12
CA ASN B 133 11.05 5.18 -18.56
C ASN B 133 10.01 6.26 -18.23
N GLU B 134 10.47 7.48 -17.97
CA GLU B 134 9.58 8.56 -17.54
C GLU B 134 8.39 8.83 -18.49
N HIS B 135 8.53 8.51 -19.77
CA HIS B 135 7.50 8.87 -20.75
C HIS B 135 6.45 7.79 -21.02
N LEU B 136 6.43 6.74 -20.21
CA LEU B 136 5.51 5.62 -20.41
C LEU B 136 4.20 5.78 -19.63
N LYS B 137 3.13 5.31 -20.23
CA LYS B 137 1.82 5.23 -19.59
C LYS B 137 1.72 3.92 -18.81
N VAL B 138 1.19 3.98 -17.60
CA VAL B 138 1.24 2.86 -16.65
C VAL B 138 -0.12 2.66 -15.99
N TYR B 139 -0.59 1.40 -15.96
CA TYR B 139 -1.78 1.00 -15.20
C TYR B 139 -1.32 0.11 -14.04
N GLU B 140 -2.19 -0.03 -13.04
CA GLU B 140 -2.00 -0.89 -11.86
C GLU B 140 -0.89 -1.95 -11.92
N ASN B 141 -1.14 -3.02 -12.65
CA ASN B 141 -0.26 -4.20 -12.58
C ASN B 141 1.08 -4.00 -13.28
N VAL B 142 1.13 -3.07 -14.23
CA VAL B 142 2.41 -2.68 -14.83
C VAL B 142 3.33 -2.11 -13.73
N ALA B 143 2.78 -1.27 -12.85
CA ALA B 143 3.53 -0.71 -11.73
C ALA B 143 3.91 -1.79 -10.70
N GLN B 144 2.99 -2.72 -10.44
CA GLN B 144 3.33 -3.84 -9.56
C GLN B 144 4.55 -4.60 -10.08
N CYS B 145 4.61 -4.75 -11.40
CA CYS B 145 5.73 -5.43 -12.07
C CYS B 145 7.03 -4.58 -12.05
N SER B 146 6.92 -3.28 -12.31
CA SER B 146 8.09 -2.40 -12.33
C SER B 146 8.72 -2.18 -10.93
N GLY B 147 7.91 -2.31 -9.88
CA GLY B 147 8.33 -1.98 -8.51
C GLY B 147 8.78 -3.16 -7.64
N GLY B 148 8.84 -4.36 -8.22
CA GLY B 148 9.40 -5.53 -7.56
C GLY B 148 8.41 -6.45 -6.86
N ALA B 149 7.15 -6.04 -6.76
CA ALA B 149 6.12 -6.83 -6.09
C ALA B 149 5.80 -8.14 -6.81
N ALA B 150 5.59 -8.07 -8.12
CA ALA B 150 5.23 -9.26 -8.90
C ALA B 150 6.34 -10.32 -8.85
N ALA B 151 7.59 -9.89 -8.99
CA ALA B 151 8.74 -10.80 -8.93
C ALA B 151 8.83 -11.59 -7.62
N THR B 152 8.37 -10.98 -6.53
CA THR B 152 8.50 -11.53 -5.20
C THR B 152 7.17 -12.00 -4.58
N THR B 153 6.13 -12.09 -5.40
CA THR B 153 4.82 -12.54 -4.94
C THR B 153 4.37 -13.77 -5.74
N GLY B 154 3.87 -14.77 -5.02
CA GLY B 154 3.45 -16.03 -5.62
C GLY B 154 4.36 -17.17 -5.17
N PHE B 155 4.45 -18.20 -5.99
CA PHE B 155 5.26 -19.39 -5.67
C PHE B 155 6.46 -19.57 -6.59
N TRP B 156 7.44 -20.29 -6.05
CA TRP B 156 8.70 -20.59 -6.71
C TRP B 156 8.52 -21.41 -8.00
N ASP B 157 7.44 -22.18 -8.07
CA ASP B 157 7.12 -22.99 -9.27
C ASP B 157 5.98 -22.41 -10.09
N GLY B 158 5.68 -21.13 -9.89
CA GLY B 158 4.66 -20.43 -10.68
C GLY B 158 5.17 -19.10 -11.19
N PRO B 159 4.32 -18.35 -11.90
CA PRO B 159 4.75 -17.07 -12.44
C PRO B 159 4.83 -15.95 -11.40
N PRO B 160 5.45 -14.81 -11.80
CA PRO B 160 5.25 -13.58 -11.01
C PRO B 160 3.74 -13.34 -10.87
N THR B 161 3.31 -12.86 -9.71
CA THR B 161 1.89 -12.79 -9.38
C THR B 161 1.53 -11.40 -8.86
N VAL B 162 0.46 -10.83 -9.41
CA VAL B 162 -0.03 -9.54 -8.96
C VAL B 162 -0.81 -9.67 -7.65
N SER B 163 -0.78 -8.63 -6.83
CA SER B 163 -1.61 -8.56 -5.63
C SER B 163 -3.01 -8.10 -6.01
N GLY B 164 -4.01 -8.61 -5.29
CA GLY B 164 -5.37 -8.08 -5.41
C GLY B 164 -5.47 -6.66 -4.87
N ALA B 165 -4.62 -6.34 -3.90
CA ALA B 165 -4.52 -4.96 -3.40
C ALA B 165 -3.97 -4.04 -4.48
N ALA B 166 -4.49 -2.81 -4.51
CA ALA B 166 -4.12 -1.81 -5.50
C ALA B 166 -2.79 -1.16 -5.14
N LEU B 167 -1.72 -1.94 -5.22
CA LEU B 167 -0.35 -1.50 -4.94
C LEU B 167 0.10 -0.40 -5.90
N GLY B 168 -0.35 -0.49 -7.14
CA GLY B 168 -0.03 0.52 -8.15
C GLY B 168 -0.90 1.77 -8.02
N A0A B 169 -2.21 1.59 -7.90
CA A0A B 169 -3.17 2.72 -8.03
C A0A B 169 -3.46 3.41 -6.70
O A0A B 169 -2.87 4.45 -6.40
CB A0A B 169 -4.46 2.20 -8.67
CG A0A B 169 -4.36 1.74 -10.11
OD1 A0A B 169 -3.32 1.84 -10.76
OD2 A0A B 169 -5.55 1.13 -10.71
CM1 A0A B 169 -6.01 1.72 -11.97
OM2 A0A B 169 -5.37 1.55 -13.01
N SER B 170 -4.36 2.85 -5.88
CA SER B 170 -4.74 3.52 -4.64
C SER B 170 -3.53 3.80 -3.72
N ASN B 171 -2.59 2.86 -3.66
CA ASN B 171 -1.36 3.05 -2.89
C ASN B 171 -0.58 4.29 -3.32
N SER B 172 -0.47 4.49 -4.63
CA SER B 172 0.17 5.70 -5.16
C SER B 172 -0.61 6.96 -4.76
N GLY B 173 -1.94 6.85 -4.82
CA GLY B 173 -2.84 7.92 -4.36
C GLY B 173 -2.66 8.29 -2.90
N MET B 174 -2.54 7.28 -2.04
CA MET B 174 -2.31 7.51 -0.61
C MET B 174 -0.93 8.14 -0.37
N HIS B 175 0.10 7.64 -1.07
CA HIS B 175 1.41 8.28 -1.04
C HIS B 175 1.36 9.74 -1.48
N LEU B 176 0.60 10.04 -2.53
CA LEU B 176 0.45 11.44 -2.97
C LEU B 176 -0.21 12.31 -1.90
N MET B 177 -1.17 11.75 -1.18
CA MET B 177 -1.82 12.48 -0.09
C MET B 177 -0.80 12.88 0.99
N ILE B 178 0.14 11.99 1.30
CA ILE B 178 1.25 12.32 2.21
C ILE B 178 2.02 13.54 1.67
N GLY B 179 2.39 13.49 0.39
CA GLY B 179 3.12 14.58 -0.25
C GLY B 179 2.42 15.91 -0.20
N ILE B 180 1.11 15.89 -0.49
CA ILE B 180 0.27 17.09 -0.46
C ILE B 180 0.18 17.69 0.94
N LEU B 181 -0.11 16.84 1.93
CA LEU B 181 -0.20 17.29 3.31
C LEU B 181 1.15 17.84 3.80
N ALA B 182 2.25 17.17 3.42
CA ALA B 182 3.59 17.67 3.68
C ALA B 182 3.81 19.08 3.08
N ALA B 183 3.32 19.27 1.85
CA ALA B 183 3.42 20.56 1.16
C ALA B 183 2.59 21.66 1.85
N LEU B 184 1.44 21.28 2.40
CA LEU B 184 0.63 22.21 3.21
C LEU B 184 1.33 22.60 4.50
N GLU B 185 2.04 21.64 5.10
CA GLU B 185 2.82 21.92 6.31
C GLU B 185 3.89 22.97 6.07
N ILE B 186 4.65 22.81 4.99
CA ILE B 186 5.74 23.74 4.69
C ILE B 186 5.22 25.10 4.23
N ARG B 187 4.05 25.13 3.60
CA ARG B 187 3.43 26.38 3.16
C ARG B 187 3.11 27.30 4.34
N HIS B 188 2.76 26.71 5.49
CA HIS B 188 2.59 27.49 6.72
C HIS B 188 3.87 28.26 7.08
N LYS B 189 5.03 27.71 6.73
CA LYS B 189 6.33 28.33 7.01
C LYS B 189 6.72 29.33 5.91
N THR B 190 6.63 28.91 4.66
CA THR B 190 7.16 29.68 3.53
C THR B 190 6.15 30.61 2.86
N GLY B 191 4.86 30.32 3.03
CA GLY B 191 3.80 31.03 2.31
C GLY B 191 3.73 30.68 0.82
N ARG B 192 4.46 29.64 0.41
CA ARG B 192 4.55 29.29 -1.01
C ARG B 192 4.17 27.82 -1.22
N GLY B 193 3.53 27.56 -2.35
CA GLY B 193 3.19 26.20 -2.76
C GLY B 193 4.40 25.52 -3.38
N GLN B 194 4.36 24.19 -3.45
CA GLN B 194 5.42 23.42 -4.09
C GLN B 194 4.80 22.44 -5.08
N LYS B 195 5.66 21.88 -5.92
CA LYS B 195 5.26 20.78 -6.79
C LYS B 195 5.64 19.48 -6.08
N VAL B 196 4.71 18.53 -6.05
CA VAL B 196 4.97 17.21 -5.48
C VAL B 196 4.51 16.15 -6.47
N ALA B 197 5.27 15.08 -6.58
CA ALA B 197 4.93 14.01 -7.51
C ALA B 197 5.27 12.66 -6.90
N VAL B 198 4.43 11.67 -7.21
CA VAL B 198 4.66 10.30 -6.78
C VAL B 198 4.58 9.40 -8.01
N ALA B 199 5.62 8.62 -8.23
CA ALA B 199 5.63 7.62 -9.29
C ALA B 199 5.05 6.32 -8.75
N MET B 200 4.23 5.66 -9.57
CA MET B 200 3.63 4.39 -9.20
C MET B 200 4.69 3.32 -8.87
N GLN B 201 5.77 3.28 -9.66
CA GLN B 201 6.90 2.38 -9.38
C GLN B 201 7.45 2.58 -7.97
N ASP B 202 7.61 3.83 -7.58
CA ASP B 202 8.23 4.18 -6.32
C ASP B 202 7.31 3.88 -5.14
N ALA B 203 6.01 4.09 -5.32
CA ALA B 203 5.03 3.76 -4.28
C ALA B 203 5.01 2.25 -4.02
N VAL B 204 5.08 1.48 -5.11
CA VAL B 204 5.19 0.03 -4.99
C VAL B 204 6.50 -0.37 -4.28
N LEU B 205 7.62 0.18 -4.73
CA LEU B 205 8.94 -0.14 -4.14
C LEU B 205 9.01 0.16 -2.64
N ASN B 206 8.40 1.28 -2.23
CA ASN B 206 8.32 1.62 -0.80
C ASN B 206 7.71 0.48 0.01
N LEU B 207 6.60 -0.09 -0.47
CA LEU B 207 5.99 -1.25 0.19
C LEU B 207 6.81 -2.54 0.06
N VAL B 208 7.69 -2.61 -0.93
CA VAL B 208 8.56 -3.76 -1.17
C VAL B 208 9.97 -3.54 -0.54
N ARG B 209 10.09 -2.58 0.37
CA ARG B 209 11.35 -2.33 1.09
C ARG B 209 11.94 -3.60 1.70
N ILE B 210 11.09 -4.43 2.31
CA ILE B 210 11.54 -5.70 2.90
C ILE B 210 12.23 -6.66 1.91
N LYS B 211 11.84 -6.58 0.63
CA LYS B 211 12.49 -7.39 -0.39
C LYS B 211 13.83 -6.81 -0.86
N LEU B 212 13.99 -5.49 -0.75
CA LEU B 212 15.29 -4.86 -1.01
C LEU B 212 16.28 -5.19 0.12
N ARG B 213 15.75 -5.30 1.35
CA ARG B 213 16.50 -5.89 2.47
C ARG B 213 17.00 -7.28 2.10
N ASP B 214 16.09 -8.13 1.64
CA ASP B 214 16.43 -9.51 1.30
C ASP B 214 17.42 -9.61 0.13
N GLN B 215 17.30 -8.73 -0.86
CA GLN B 215 18.24 -8.74 -1.98
C GLN B 215 19.67 -8.50 -1.51
N GLN B 216 19.85 -7.54 -0.60
CA GLN B 216 21.17 -7.25 -0.03
C GLN B 216 21.68 -8.39 0.84
N ARG B 217 20.81 -8.95 1.68
CA ARG B 217 21.17 -10.14 2.45
C ARG B 217 21.64 -11.27 1.53
N LEU B 218 20.92 -11.49 0.43
CA LEU B 218 21.23 -12.54 -0.53
C LEU B 218 22.58 -12.30 -1.21
N GLU B 219 22.79 -11.07 -1.68
CA GLU B 219 24.08 -10.69 -2.29
C GLU B 219 25.25 -10.83 -1.30
N ARG B 220 25.01 -10.50 -0.04
CA ARG B 220 26.04 -10.51 0.99
C ARG B 220 26.39 -11.89 1.54
N THR B 221 25.41 -12.80 1.57
CA THR B 221 25.55 -14.09 2.26
C THR B 221 25.27 -15.32 1.42
N GLY B 222 24.62 -15.13 0.26
CA GLY B 222 24.27 -16.24 -0.62
C GLY B 222 23.07 -17.08 -0.20
N ILE B 223 22.40 -16.70 0.88
CA ILE B 223 21.26 -17.45 1.40
C ILE B 223 20.27 -16.55 2.16
N LEU B 224 18.99 -16.92 2.10
CA LEU B 224 17.95 -16.38 2.96
C LEU B 224 17.37 -17.57 3.72
N ALA B 225 17.76 -17.72 4.97
CA ALA B 225 17.54 -18.96 5.72
C ALA B 225 16.07 -19.27 6.02
N GLU B 226 15.25 -18.23 6.09
CA GLU B 226 13.82 -18.37 6.40
C GLU B 226 12.94 -18.67 5.17
N TYR B 227 13.50 -18.56 3.97
CA TYR B 227 12.74 -18.81 2.74
C TYR B 227 12.57 -20.32 2.53
N PRO B 228 11.45 -20.73 1.88
CA PRO B 228 11.23 -22.16 1.61
C PRO B 228 12.37 -22.84 0.84
N GLN B 229 13.07 -22.10 -0.02
CA GLN B 229 14.18 -22.65 -0.81
C GLN B 229 15.38 -23.12 0.03
N ALA B 230 15.48 -22.62 1.26
CA ALA B 230 16.55 -23.01 2.17
C ALA B 230 16.20 -24.23 3.04
N GLN B 231 14.97 -24.75 2.94
CA GLN B 231 14.58 -25.94 3.71
CA GLN B 231 14.54 -25.92 3.70
C GLN B 231 14.95 -27.20 2.93
N PRO B 232 15.65 -28.14 3.59
CA PRO B 232 16.05 -29.38 2.90
C PRO B 232 14.89 -30.14 2.22
N ASN B 233 14.98 -30.26 0.90
CA ASN B 233 14.03 -31.05 0.11
C ASN B 233 12.56 -30.77 0.45
N PHE B 234 12.14 -29.51 0.26
CA PHE B 234 10.74 -29.14 0.42
C PHE B 234 10.21 -28.58 -0.90
N ALA B 235 10.81 -27.49 -1.35
CA ALA B 235 10.44 -26.87 -2.62
C ALA B 235 11.17 -27.58 -3.75
N PHE B 236 10.49 -27.76 -4.88
CA PHE B 236 11.07 -28.40 -6.05
C PHE B 236 10.86 -27.53 -7.29
N ASP B 237 11.77 -27.66 -8.25
CA ASP B 237 11.72 -26.85 -9.47
C ASP B 237 10.80 -27.46 -10.55
N ARG B 238 10.90 -26.98 -11.78
CA ARG B 238 10.10 -27.49 -12.89
C ARG B 238 10.41 -28.95 -13.18
N ASP B 239 11.70 -29.27 -13.35
CA ASP B 239 12.11 -30.66 -13.60
C ASP B 239 12.00 -31.58 -12.36
N GLY B 240 11.54 -31.04 -11.24
CA GLY B 240 11.21 -31.85 -10.06
C GLY B 240 12.34 -32.08 -9.08
N ASN B 241 13.41 -31.29 -9.18
CA ASN B 241 14.56 -31.42 -8.30
C ASN B 241 14.54 -30.39 -7.17
N PRO B 242 15.14 -30.73 -6.00
CA PRO B 242 14.99 -29.90 -4.81
C PRO B 242 15.66 -28.54 -4.92
N LEU B 243 14.95 -27.50 -4.49
CA LEU B 243 15.42 -26.13 -4.60
C LEU B 243 16.47 -25.79 -3.55
N SER B 244 17.35 -24.86 -3.90
CA SER B 244 18.32 -24.32 -2.96
C SER B 244 18.76 -22.94 -3.43
N PHE B 245 19.43 -22.20 -2.55
CA PHE B 245 19.96 -20.89 -2.90
C PHE B 245 21.30 -20.94 -3.67
N ASP B 246 21.80 -22.15 -3.95
CA ASP B 246 23.03 -22.32 -4.74
C ASP B 246 23.07 -21.48 -6.01
N ASN B 247 21.95 -21.48 -6.73
CA ASN B 247 21.85 -20.81 -8.03
CA ASN B 247 21.82 -20.84 -8.03
C ASN B 247 20.83 -19.68 -8.05
N ILE B 248 20.45 -19.18 -6.87
CA ILE B 248 19.50 -18.06 -6.78
C ILE B 248 20.27 -16.78 -6.42
N THR B 249 20.19 -15.79 -7.31
CA THR B 249 20.92 -14.51 -7.13
C THR B 249 20.01 -13.29 -6.96
N SER B 250 18.71 -13.47 -7.16
CA SER B 250 17.72 -12.42 -6.96
C SER B 250 16.58 -13.00 -6.10
N VAL B 251 16.03 -12.16 -5.22
CA VAL B 251 14.99 -12.58 -4.28
C VAL B 251 13.88 -13.37 -4.99
N PRO B 252 13.68 -14.65 -4.62
CA PRO B 252 12.64 -15.47 -5.24
C PRO B 252 11.29 -15.36 -4.55
N ARG B 253 10.29 -15.98 -5.17
CA ARG B 253 8.97 -16.10 -4.60
C ARG B 253 8.99 -17.16 -3.51
N GLY B 254 8.37 -16.85 -2.38
CA GLY B 254 8.39 -17.74 -1.21
C GLY B 254 7.03 -18.29 -0.80
N GLY B 255 6.08 -18.31 -1.72
CA GLY B 255 4.72 -18.77 -1.42
C GLY B 255 4.09 -18.02 -0.25
N ASN B 256 3.64 -18.76 0.76
CA ASN B 256 3.02 -18.15 1.93
C ASN B 256 3.94 -18.05 3.16
N ALA B 257 5.24 -17.90 2.93
CA ALA B 257 6.19 -17.68 4.02
C ALA B 257 6.00 -16.29 4.69
N GLY B 258 6.52 -16.15 5.91
CA GLY B 258 6.29 -14.95 6.74
C GLY B 258 6.65 -13.58 6.17
N GLY B 259 7.58 -13.57 5.21
CA GLY B 259 8.09 -12.31 4.66
C GLY B 259 8.95 -11.51 5.62
N GLY B 260 9.04 -11.95 6.88
CA GLY B 260 9.78 -11.23 7.92
C GLY B 260 10.55 -12.15 8.84
N GLY B 261 10.82 -11.67 10.05
CA GLY B 261 11.63 -12.40 11.02
C GLY B 261 10.92 -13.59 11.63
N GLN B 262 9.59 -13.59 11.60
CA GLN B 262 8.76 -14.63 12.21
C GLN B 262 8.12 -15.51 11.13
N PRO B 263 8.55 -16.79 11.04
CA PRO B 263 8.01 -17.69 10.00
C PRO B 263 6.52 -17.95 10.15
N GLY B 264 5.87 -18.24 9.02
CA GLY B 264 4.46 -18.60 9.02
C GLY B 264 4.08 -19.36 7.76
N TRP B 265 2.82 -19.79 7.69
CA TRP B 265 2.28 -20.43 6.50
C TRP B 265 0.76 -20.37 6.47
N MET B 266 0.18 -20.56 5.29
CA MET B 266 -1.27 -20.54 5.08
C MET B 266 -1.80 -21.96 5.22
N LEU B 267 -2.61 -22.20 6.26
CA LEU B 267 -3.04 -23.55 6.61
C LEU B 267 -4.53 -23.77 6.36
N LYS B 268 -4.85 -24.90 5.73
CA LYS B 268 -6.23 -25.26 5.40
C LYS B 268 -7.06 -25.50 6.65
N CYS B 269 -8.32 -25.08 6.60
CA CYS B 269 -9.30 -25.37 7.65
C CYS B 269 -10.46 -26.18 7.04
N LYS B 270 -11.43 -26.57 7.87
CA LYS B 270 -12.56 -27.36 7.40
C LYS B 270 -13.31 -26.65 6.26
N GLY B 271 -13.52 -27.35 5.16
CA GLY B 271 -14.30 -26.82 4.04
C GLY B 271 -13.46 -26.25 2.89
N TRP B 272 -12.14 -26.30 3.05
CA TRP B 272 -11.23 -25.70 2.05
C TRP B 272 -11.44 -26.23 0.64
N GLU B 273 -11.89 -27.49 0.51
CA GLU B 273 -12.13 -28.11 -0.79
C GLU B 273 -13.19 -27.36 -1.61
N THR B 274 -14.25 -26.91 -0.94
CA THR B 274 -15.35 -26.18 -1.59
C THR B 274 -15.44 -24.69 -1.22
N ASP B 275 -14.59 -24.24 -0.29
CA ASP B 275 -14.57 -22.85 0.16
C ASP B 275 -13.15 -22.32 -0.03
N ALA B 276 -12.97 -21.47 -1.04
CA ALA B 276 -11.64 -20.97 -1.41
C ALA B 276 -10.94 -20.16 -0.30
N ASP B 277 -11.71 -19.68 0.68
CA ASP B 277 -11.15 -18.84 1.75
C ASP B 277 -11.17 -19.51 3.14
N SER B 278 -11.36 -20.83 3.19
CA SER B 278 -11.35 -21.56 4.46
C SER B 278 -9.91 -21.88 4.87
N TYR B 279 -9.20 -20.85 5.33
CA TYR B 279 -7.80 -20.94 5.72
C TYR B 279 -7.52 -19.99 6.87
N VAL B 280 -6.46 -20.27 7.62
CA VAL B 280 -5.88 -19.33 8.56
C VAL B 280 -4.40 -19.15 8.23
N TYR B 281 -3.83 -18.01 8.64
CA TYR B 281 -2.39 -17.84 8.63
C TYR B 281 -1.90 -18.10 10.04
N PHE B 282 -0.87 -18.93 10.17
CA PHE B 282 -0.33 -19.31 11.46
C PHE B 282 1.15 -18.97 11.51
N THR B 283 1.52 -18.14 12.49
CA THR B 283 2.88 -17.64 12.61
C THR B 283 3.59 -18.30 13.79
N ILE B 284 4.68 -19.01 13.50
CA ILE B 284 5.50 -19.64 14.54
C ILE B 284 6.53 -18.62 15.04
N ALA B 285 6.08 -17.72 15.91
CA ALA B 285 6.96 -16.74 16.55
C ALA B 285 7.88 -17.46 17.52
N ALA B 286 9.17 -17.10 17.50
CA ALA B 286 10.17 -17.73 18.36
C ALA B 286 9.84 -17.57 19.85
N ASN B 287 9.44 -16.36 20.23
CA ASN B 287 9.07 -16.08 21.62
C ASN B 287 7.78 -16.77 22.08
N MET B 288 6.90 -17.11 21.13
CA MET B 288 5.61 -17.74 21.41
C MET B 288 5.63 -19.27 21.35
N TRP B 289 6.83 -19.86 21.24
CA TRP B 289 6.95 -21.30 21.03
C TRP B 289 6.35 -22.17 22.15
N PRO B 290 6.60 -21.81 23.42
CA PRO B 290 5.98 -22.56 24.54
C PRO B 290 4.44 -22.54 24.50
N GLN B 291 3.87 -21.40 24.10
CA GLN B 291 2.43 -21.27 23.93
C GLN B 291 1.91 -22.18 22.80
N ILE B 292 2.69 -22.30 21.74
CA ILE B 292 2.35 -23.17 20.60
C ILE B 292 2.40 -24.66 20.99
N CYS B 293 3.40 -25.02 21.79
CA CYS B 293 3.55 -26.41 22.27
C CYS B 293 2.34 -26.86 23.11
N ASP B 294 1.74 -25.94 23.84
CA ASP B 294 0.56 -26.23 24.65
C ASP B 294 -0.70 -26.48 23.79
N MET B 295 -0.87 -25.69 22.73
CA MET B 295 -2.00 -25.86 21.81
C MET B 295 -1.86 -27.13 20.97
N ILE B 296 -0.66 -27.33 20.43
CA ILE B 296 -0.34 -28.52 19.64
C ILE B 296 -0.49 -29.79 20.49
N ASP B 297 -0.24 -29.65 21.79
CA ASP B 297 -0.30 -30.75 22.75
C ASP B 297 0.82 -31.75 22.46
N LYS B 298 2.03 -31.21 22.36
CA LYS B 298 3.26 -32.02 22.26
C LYS B 298 4.38 -31.31 23.04
N PRO B 299 4.46 -31.58 24.37
CA PRO B 299 5.50 -30.97 25.22
C PRO B 299 6.91 -31.51 25.01
N GLU B 300 7.07 -32.52 24.15
CA GLU B 300 8.39 -33.08 23.83
C GLU B 300 9.31 -32.01 23.24
N TRP B 301 8.75 -31.16 22.38
CA TRP B 301 9.52 -30.14 21.67
C TRP B 301 9.88 -28.92 22.52
N LYS B 302 9.20 -28.76 23.66
CA LYS B 302 9.46 -27.62 24.56
C LYS B 302 10.90 -27.62 25.06
N ASP B 303 11.36 -28.78 25.52
CA ASP B 303 12.72 -28.93 26.05
C ASP B 303 13.73 -29.44 25.01
N ASP B 304 13.23 -29.91 23.86
CA ASP B 304 14.09 -30.38 22.78
C ASP B 304 14.84 -29.19 22.16
N PRO B 305 16.18 -29.27 22.07
CA PRO B 305 16.97 -28.14 21.56
C PRO B 305 16.77 -27.85 20.07
N ALA B 306 16.59 -28.89 19.27
CA ALA B 306 16.38 -28.75 17.82
C ALA B 306 15.08 -28.11 17.32
N TYR B 307 14.23 -27.70 18.27
CA TYR B 307 12.80 -27.42 18.11
C TYR B 307 12.41 -26.06 18.70
N ASN B 308 12.92 -25.75 19.89
CA ASN B 308 12.63 -24.48 20.57
C ASN B 308 13.56 -23.32 20.17
N THR B 309 14.15 -23.40 18.98
CA THR B 309 14.97 -22.33 18.42
C THR B 309 14.75 -22.23 16.92
N PHE B 310 14.88 -21.02 16.38
CA PHE B 310 14.74 -20.79 14.92
C PHE B 310 15.67 -21.70 14.12
N GLU B 311 16.88 -21.93 14.64
CA GLU B 311 17.86 -22.80 13.99
C GLU B 311 17.45 -24.27 14.09
N GLY B 312 16.82 -24.64 15.19
CA GLY B 312 16.31 -26.00 15.38
C GLY B 312 15.17 -26.37 14.44
N ARG B 313 14.35 -25.38 14.08
CA ARG B 313 13.18 -25.60 13.22
C ARG B 313 13.48 -25.47 11.73
N VAL B 314 14.55 -24.75 11.38
CA VAL B 314 14.84 -24.40 9.98
C VAL B 314 15.01 -25.61 9.03
N ASP B 315 15.43 -26.75 9.58
CA ASP B 315 15.59 -27.96 8.77
C ASP B 315 14.26 -28.69 8.54
N LYS B 316 13.28 -28.45 9.43
CA LYS B 316 12.01 -29.20 9.42
C LYS B 316 10.81 -28.31 9.76
N LEU B 317 10.83 -27.09 9.23
CA LEU B 317 9.79 -26.09 9.51
C LEU B 317 8.47 -26.45 8.84
N MET B 318 8.54 -26.86 7.56
CA MET B 318 7.34 -27.22 6.79
C MET B 318 6.76 -28.56 7.20
N ASP B 319 7.55 -29.37 7.91
CA ASP B 319 7.07 -30.64 8.45
C ASP B 319 6.09 -30.40 9.60
N ILE B 320 6.41 -29.44 10.46
CA ILE B 320 5.55 -29.11 11.60
C ILE B 320 4.36 -28.22 11.21
N PHE B 321 4.49 -27.50 10.10
CA PHE B 321 3.35 -26.78 9.52
C PHE B 321 2.30 -27.76 8.98
N SER B 322 2.76 -28.86 8.40
CA SER B 322 1.85 -29.91 7.94
C SER B 322 1.14 -30.58 9.11
N PHE B 323 1.84 -30.73 10.23
CA PHE B 323 1.27 -31.38 11.42
C PHE B 323 0.26 -30.47 12.14
N ILE B 324 0.60 -29.19 12.28
CA ILE B 324 -0.32 -28.23 12.87
C ILE B 324 -1.60 -28.09 12.02
N GLU B 325 -1.45 -28.23 10.70
CA GLU B 325 -2.59 -28.17 9.78
C GLU B 325 -3.57 -29.33 10.00
N THR B 326 -3.06 -30.48 10.44
CA THR B 326 -3.91 -31.66 10.69
C THR B 326 -4.83 -31.44 11.89
N LYS B 327 -4.37 -30.65 12.86
CA LYS B 327 -5.19 -30.23 13.99
C LYS B 327 -6.43 -29.41 13.58
N PHE B 328 -6.33 -28.71 12.44
CA PHE B 328 -7.40 -27.81 11.99
C PHE B 328 -8.39 -28.45 10.99
N ALA B 329 -8.15 -29.71 10.61
CA ALA B 329 -8.92 -30.34 9.53
C ALA B 329 -10.42 -30.47 9.79
N ASP B 330 -10.83 -30.41 11.06
CA ASP B 330 -12.23 -30.58 11.45
C ASP B 330 -12.84 -29.32 12.05
N LYS B 331 -12.10 -28.20 12.00
CA LYS B 331 -12.55 -26.93 12.58
C LYS B 331 -12.53 -25.84 11.50
N ASP B 332 -13.52 -24.95 11.53
CA ASP B 332 -13.53 -23.81 10.60
C ASP B 332 -12.51 -22.76 11.05
N LYS B 333 -12.27 -21.77 10.20
CA LYS B 333 -11.20 -20.81 10.42
C LYS B 333 -11.38 -19.97 11.68
N PHE B 334 -12.63 -19.75 12.07
CA PHE B 334 -12.94 -18.99 13.29
C PHE B 334 -12.77 -19.85 14.55
N GLU B 335 -13.12 -21.13 14.45
CA GLU B 335 -12.87 -22.10 15.51
C GLU B 335 -11.37 -22.30 15.76
N VAL B 336 -10.60 -22.40 14.67
CA VAL B 336 -9.15 -22.51 14.76
C VAL B 336 -8.51 -21.25 15.35
N THR B 337 -9.03 -20.08 14.97
CA THR B 337 -8.50 -18.80 15.46
C THR B 337 -8.76 -18.57 16.95
N GLU B 338 -9.95 -18.92 17.42
CA GLU B 338 -10.30 -18.76 18.84
C GLU B 338 -9.46 -19.71 19.71
N TRP B 339 -9.20 -20.90 19.18
CA TRP B 339 -8.33 -21.88 19.82
C TRP B 339 -6.92 -21.30 20.06
N ALA B 340 -6.45 -20.46 19.15
CA ALA B 340 -5.12 -19.85 19.25
C ALA B 340 -5.14 -18.50 20.00
N ALA B 341 -6.31 -17.87 20.10
CA ALA B 341 -6.44 -16.57 20.77
C ALA B 341 -6.25 -16.69 22.28
N GLN B 342 -6.63 -17.83 22.85
CA GLN B 342 -6.48 -18.07 24.28
C GLN B 342 -5.00 -18.20 24.70
N TYR B 343 -4.13 -18.47 23.73
CA TYR B 343 -2.69 -18.50 23.97
C TYR B 343 -1.98 -17.22 23.49
N GLY B 344 -2.75 -16.26 22.99
CA GLY B 344 -2.19 -15.03 22.41
C GLY B 344 -1.32 -15.28 21.18
N ILE B 345 -1.57 -16.39 20.50
CA ILE B 345 -0.77 -16.80 19.36
C ILE B 345 -1.17 -16.03 18.11
N PRO B 346 -0.18 -15.53 17.35
CA PRO B 346 -0.49 -14.83 16.09
C PRO B 346 -1.08 -15.80 15.06
N CYS B 347 -2.41 -15.88 15.05
CA CYS B 347 -3.16 -16.70 14.11
C CYS B 347 -4.45 -15.98 13.76
N GLY B 348 -4.79 -15.95 12.48
CA GLY B 348 -5.98 -15.25 12.02
C GLY B 348 -6.56 -15.85 10.75
N PRO B 349 -7.87 -15.64 10.51
CA PRO B 349 -8.52 -16.26 9.37
C PRO B 349 -8.33 -15.47 8.08
N VAL B 350 -8.42 -16.17 6.95
CA VAL B 350 -8.56 -15.50 5.66
C VAL B 350 -10.01 -15.02 5.55
N MET B 351 -10.19 -13.70 5.56
CA MET B 351 -11.52 -13.13 5.43
C MET B 351 -11.90 -12.97 3.96
N SER B 352 -13.05 -13.50 3.58
CA SER B 352 -13.58 -13.37 2.23
C SER B 352 -14.14 -11.96 2.02
N MET B 353 -14.23 -11.52 0.77
CA MET B 353 -14.84 -10.21 0.49
C MET B 353 -16.32 -10.20 0.89
N LYS B 354 -16.98 -11.36 0.76
CA LYS B 354 -18.36 -11.55 1.19
C LYS B 354 -18.50 -11.25 2.70
N GLU B 355 -17.61 -11.85 3.50
CA GLU B 355 -17.61 -11.64 4.95
C GLU B 355 -17.32 -10.17 5.32
N LEU B 356 -16.30 -9.60 4.69
CA LEU B 356 -15.87 -8.22 4.98
C LEU B 356 -16.92 -7.19 4.60
N ALA B 357 -17.59 -7.39 3.47
CA ALA B 357 -18.60 -6.44 2.99
C ALA B 357 -19.78 -6.31 3.97
N HIS B 358 -20.04 -7.37 4.72
CA HIS B 358 -21.19 -7.44 5.62
C HIS B 358 -20.83 -7.66 7.08
N ASP B 359 -19.55 -7.48 7.40
CA ASP B 359 -19.07 -7.64 8.77
C ASP B 359 -19.59 -6.51 9.67
N PRO B 360 -20.25 -6.87 10.80
CA PRO B 360 -20.75 -5.88 11.76
C PRO B 360 -19.70 -4.91 12.31
N SER B 361 -18.54 -5.44 12.68
CA SER B 361 -17.48 -4.62 13.28
C SER B 361 -17.00 -3.51 12.34
N LEU B 362 -16.71 -3.86 11.09
CA LEU B 362 -16.20 -2.87 10.13
C LEU B 362 -17.20 -1.75 9.86
N GLN B 363 -18.48 -2.05 9.91
CA GLN B 363 -19.51 -1.02 9.76
C GLN B 363 -19.63 -0.19 11.05
N LYS B 364 -19.46 -0.83 12.20
CA LYS B 364 -19.53 -0.12 13.49
C LYS B 364 -18.44 0.96 13.61
N VAL B 365 -17.24 0.66 13.12
CA VAL B 365 -16.09 1.56 13.24
C VAL B 365 -15.95 2.54 12.04
N GLY B 366 -16.90 2.51 11.13
CA GLY B 366 -16.91 3.44 9.99
C GLY B 366 -15.89 3.11 8.90
N THR B 367 -15.44 1.85 8.84
CA THR B 367 -14.44 1.47 7.84
C THR B 367 -15.13 0.92 6.58
N VAL B 368 -16.20 0.17 6.74
CA VAL B 368 -17.12 -0.11 5.63
C VAL B 368 -18.35 0.75 5.86
N VAL B 369 -18.67 1.61 4.90
CA VAL B 369 -19.74 2.59 5.08
C VAL B 369 -20.83 2.43 4.02
N GLU B 370 -22.09 2.46 4.45
CA GLU B 370 -23.21 2.51 3.51
C GLU B 370 -23.46 3.98 3.10
N VAL B 371 -23.28 4.26 1.82
CA VAL B 371 -23.47 5.60 1.27
C VAL B 371 -24.95 5.76 0.89
N VAL B 372 -25.57 6.82 1.39
CA VAL B 372 -26.95 7.14 1.02
C VAL B 372 -26.94 7.87 -0.32
N ASP B 373 -27.27 7.13 -1.37
CA ASP B 373 -27.31 7.64 -2.73
C ASP B 373 -28.74 7.56 -3.24
N GLU B 374 -29.44 8.68 -3.18
CA GLU B 374 -30.86 8.75 -3.53
C GLU B 374 -31.12 8.72 -5.04
N ILE B 375 -30.07 8.89 -5.85
CA ILE B 375 -30.19 8.83 -7.30
C ILE B 375 -30.02 7.39 -7.81
N ARG B 376 -28.96 6.72 -7.34
CA ARG B 376 -28.57 5.41 -7.88
C ARG B 376 -28.95 4.24 -6.99
N GLY B 377 -29.37 4.51 -5.76
CA GLY B 377 -29.52 3.47 -4.75
C GLY B 377 -28.25 3.38 -3.93
N ASN B 378 -28.38 2.97 -2.67
CA ASN B 378 -27.26 2.91 -1.75
C ASN B 378 -26.19 1.91 -2.19
N HIS B 379 -24.95 2.20 -1.80
CA HIS B 379 -23.85 1.29 -2.05
C HIS B 379 -22.89 1.35 -0.86
N LEU B 380 -22.06 0.31 -0.75
CA LEU B 380 -21.01 0.28 0.27
C LEU B 380 -19.74 0.91 -0.30
N THR B 381 -18.93 1.47 0.59
CA THR B 381 -17.60 1.92 0.23
C THR B 381 -16.66 1.73 1.43
N VAL B 382 -15.36 1.91 1.18
CA VAL B 382 -14.40 1.97 2.27
C VAL B 382 -14.31 3.41 2.76
N GLY B 383 -14.42 3.61 4.07
CA GLY B 383 -14.32 4.94 4.66
C GLY B 383 -12.89 5.33 4.94
N ALA B 384 -12.71 6.27 5.87
CA ALA B 384 -11.37 6.71 6.26
C ALA B 384 -10.73 5.64 7.16
N PRO B 385 -9.56 5.11 6.76
CA PRO B 385 -8.87 4.11 7.54
C PRO B 385 -8.07 4.65 8.73
N PHE B 386 -8.06 5.97 8.89
CA PHE B 386 -7.48 6.64 10.06
C PHE B 386 -8.64 7.20 10.88
N LYS B 387 -8.63 6.89 12.16
CA LYS B 387 -9.70 7.28 13.07
C LYS B 387 -9.17 8.38 13.98
N PHE B 388 -9.95 9.45 14.13
CA PHE B 388 -9.53 10.66 14.86
C PHE B 388 -10.44 10.89 16.07
N SER B 389 -9.85 11.41 17.15
CA SER B 389 -10.60 11.71 18.38
C SER B 389 -11.57 12.89 18.20
N GLY B 390 -11.22 13.82 17.30
CA GLY B 390 -11.96 15.07 17.16
C GLY B 390 -13.07 15.12 16.12
N PHE B 391 -13.16 14.10 15.26
CA PHE B 391 -14.14 14.14 14.18
C PHE B 391 -14.34 12.80 13.48
N GLN B 392 -15.44 12.71 12.74
CA GLN B 392 -15.77 11.57 11.89
C GLN B 392 -16.07 12.09 10.48
N PRO B 393 -15.63 11.35 9.43
CA PRO B 393 -16.02 11.72 8.07
C PRO B 393 -17.54 11.65 7.85
N GLU B 394 -18.04 12.56 7.02
CA GLU B 394 -19.42 12.51 6.57
C GLU B 394 -19.40 12.28 5.05
N ILE B 395 -19.57 11.02 4.67
CA ILE B 395 -19.41 10.62 3.27
C ILE B 395 -20.71 10.90 2.52
N THR B 396 -20.59 11.60 1.39
CA THR B 396 -21.73 11.99 0.57
C THR B 396 -21.60 11.44 -0.85
N ARG B 397 -22.74 11.12 -1.46
CA ARG B 397 -22.75 10.37 -2.73
C ARG B 397 -21.99 11.07 -3.87
N ALA B 398 -21.56 10.26 -4.83
CA ALA B 398 -20.75 10.73 -5.94
C ALA B 398 -21.59 11.59 -6.89
N PRO B 399 -20.98 12.59 -7.53
CA PRO B 399 -21.72 13.52 -8.38
C PRO B 399 -22.11 12.94 -9.74
N LEU B 400 -23.24 13.36 -10.29
CA LEU B 400 -23.57 13.09 -11.68
C LEU B 400 -22.66 13.94 -12.57
N LEU B 401 -22.47 13.52 -13.82
CA LEU B 401 -21.57 14.23 -14.72
C LEU B 401 -22.07 15.66 -14.96
N GLY B 402 -21.23 16.63 -14.62
CA GLY B 402 -21.56 18.05 -14.77
C GLY B 402 -22.67 18.56 -13.86
N GLU B 403 -22.95 17.82 -12.80
CA GLU B 403 -24.05 18.15 -11.88
C GLU B 403 -23.88 19.53 -11.25
N HIS B 404 -22.62 19.93 -11.03
CA HIS B 404 -22.31 21.17 -10.35
C HIS B 404 -21.65 22.21 -11.26
N THR B 405 -21.72 22.00 -12.58
CA THR B 405 -21.10 22.90 -13.54
C THR B 405 -21.54 24.35 -13.34
N ASP B 406 -22.84 24.60 -13.48
CA ASP B 406 -23.37 25.97 -13.37
C ASP B 406 -23.18 26.54 -11.98
N GLU B 407 -23.32 25.67 -10.97
CA GLU B 407 -23.06 26.04 -9.58
C GLU B 407 -21.62 26.55 -9.39
N VAL B 408 -20.65 25.84 -9.99
CA VAL B 408 -19.24 26.23 -9.92
C VAL B 408 -18.97 27.51 -10.70
N LEU B 409 -19.57 27.64 -11.88
CA LEU B 409 -19.42 28.83 -12.72
C LEU B 409 -20.00 30.08 -12.07
N LYS B 410 -21.12 29.92 -11.36
CA LYS B 410 -21.71 31.04 -10.61
C LYS B 410 -20.77 31.49 -9.48
N GLU B 411 -20.07 30.54 -8.87
CA GLU B 411 -19.06 30.86 -7.85
C GLU B 411 -17.87 31.64 -8.43
N LEU B 412 -17.62 31.49 -9.72
CA LEU B 412 -16.58 32.26 -10.42
C LEU B 412 -17.05 33.65 -10.84
N GLY B 413 -18.29 34.01 -10.49
CA GLY B 413 -18.83 35.33 -10.77
C GLY B 413 -19.35 35.49 -12.18
N LEU B 414 -19.74 34.39 -12.81
CA LEU B 414 -20.31 34.41 -14.14
C LEU B 414 -21.83 34.49 -14.05
N ASP B 415 -22.44 35.30 -14.91
CA ASP B 415 -23.90 35.44 -14.96
C ASP B 415 -24.51 34.43 -15.93
N ASP B 416 -25.83 34.42 -16.02
CA ASP B 416 -26.57 33.43 -16.82
C ASP B 416 -26.28 33.55 -18.33
N ALA B 417 -25.95 34.76 -18.77
CA ALA B 417 -25.60 35.00 -20.18
C ALA B 417 -24.29 34.31 -20.55
N LYS B 418 -23.28 34.50 -19.70
CA LYS B 418 -21.96 33.89 -19.90
C LYS B 418 -22.06 32.36 -19.83
N ILE B 419 -22.83 31.87 -18.86
CA ILE B 419 -23.03 30.43 -18.66
C ILE B 419 -23.66 29.77 -19.89
N LYS B 420 -24.73 30.36 -20.40
CA LYS B 420 -25.42 29.84 -21.59
C LYS B 420 -24.51 29.86 -22.82
N GLU B 421 -23.64 30.87 -22.92
CA GLU B 421 -22.67 30.97 -24.01
C GLU B 421 -21.67 29.81 -23.97
N LEU B 422 -21.18 29.49 -22.77
CA LEU B 422 -20.22 28.41 -22.59
C LEU B 422 -20.84 27.03 -22.88
N HIS B 423 -22.12 26.86 -22.53
CA HIS B 423 -22.86 25.66 -22.87
C HIS B 423 -23.06 25.53 -24.39
N ALA B 424 -23.45 26.64 -25.03
CA ALA B 424 -23.69 26.66 -26.47
C ALA B 424 -22.42 26.43 -27.28
N LYS B 425 -21.33 27.03 -26.81
CA LYS B 425 -20.02 26.88 -27.45
C LYS B 425 -19.35 25.53 -27.15
N GLN B 426 -19.98 24.74 -26.26
CA GLN B 426 -19.50 23.40 -25.90
C GLN B 426 -18.15 23.43 -25.18
N VAL B 427 -18.00 24.42 -24.31
CA VAL B 427 -16.85 24.55 -23.43
C VAL B 427 -17.14 23.77 -22.14
N VAL B 428 -18.39 23.86 -21.67
CA VAL B 428 -18.88 23.03 -20.57
C VAL B 428 -20.04 22.15 -21.05
N1A COA C . 10.24 -0.55 28.78
C2A COA C . 9.31 -1.18 29.51
N3A COA C . 8.32 -1.88 28.93
C4A COA C . 8.23 -1.96 27.58
C5A COA C . 9.18 -1.31 26.80
C6A COA C . 10.20 -0.59 27.42
N6A COA C . 11.13 0.05 26.71
N7A COA C . 8.85 -1.56 25.51
C8A COA C . 7.74 -2.33 25.50
N9A COA C . 7.37 -2.57 26.77
C1B COA C . 6.20 -3.38 27.22
C2B COA C . 4.88 -2.93 26.63
O2B COA C . 4.36 -1.76 27.26
C3B COA C . 4.02 -4.15 26.86
O3B COA C . 3.46 -4.06 28.17
P3B COA C . 2.22 -4.95 28.69
O7A COA C . 1.55 -5.52 27.46
O8A COA C . 2.77 -5.96 29.65
O9A COA C . 1.41 -3.98 29.53
C4B COA C . 4.99 -5.33 26.79
O4B COA C . 6.30 -4.76 26.85
C5B COA C . 4.80 -6.18 25.54
O5B COA C . 5.02 -5.41 24.34
P1A COA C . 3.99 -5.51 23.10
O1A COA C . 4.61 -4.89 21.86
O2A COA C . 2.72 -4.78 23.48
O3A COA C . 3.70 -7.09 22.90
P2A COA C . 4.53 -8.11 21.95
O4A COA C . 4.22 -9.49 22.46
O5A COA C . 5.96 -7.68 21.81
O6A COA C . 3.79 -7.99 20.52
CBP COA C . 3.36 -6.92 18.38
CCP COA C . 4.42 -7.49 19.33
CDP COA C . 4.06 -6.32 17.16
CEP COA C . 2.47 -8.07 17.94
CAP COA C . 2.55 -5.84 19.13
OAP COA C . 3.44 -4.81 19.59
C9P COA C . 1.46 -5.25 18.28
O9P COA C . 0.31 -5.89 18.12
N8P COA C . 1.70 -4.08 17.68
C7P COA C . 0.70 -3.42 16.86
C6P COA C . 0.58 -4.03 15.46
C5P COA C . 1.92 -4.01 14.75
O5P COA C . 2.62 -2.98 14.74
N4P COA C . 2.25 -5.15 14.13
C3P COA C . 3.60 -5.51 13.74
C2P COA C . 3.72 -5.72 12.22
S1P COA C . 4.33 -4.26 11.42
NA NA D . 2.17 -5.42 -38.08
N1A COA E . -10.51 18.35 -21.97
C2A COA E . -9.55 18.41 -22.96
N3A COA E . -8.52 17.48 -22.99
C4A COA E . -8.44 16.52 -22.03
C5A COA E . -9.39 16.45 -21.01
C6A COA E . -10.43 17.38 -20.98
N6A COA E . -11.33 17.41 -20.01
N7A COA E . -9.06 15.41 -20.22
C8A COA E . -7.93 14.82 -20.70
N9A COA E . -7.54 15.50 -21.82
C1B COA E . -6.40 15.19 -22.70
C2B COA E . -5.06 15.11 -21.99
O2B COA E . -4.50 16.36 -21.69
C3B COA E . -4.25 14.32 -23.01
O3B COA E . -3.76 15.20 -23.98
P3B COA E . -2.51 14.89 -24.95
O7A COA E . -1.71 16.15 -25.00
O8A COA E . -1.67 13.76 -24.40
O9A COA E . -3.01 14.49 -26.31
C4B COA E . -5.28 13.38 -23.63
O4B COA E . -6.55 13.93 -23.33
C5B COA E . -5.18 11.95 -23.10
O5B COA E . -5.07 11.94 -21.70
P1A COA E . -4.34 10.72 -20.93
O1A COA E . -4.25 11.02 -19.47
O2A COA E . -3.01 10.37 -21.54
O3A COA E . -5.41 9.54 -21.13
P2A COA E . -5.07 8.07 -21.69
O4A COA E . -4.32 8.13 -23.00
O5A COA E . -6.38 7.33 -21.78
O6A COA E . -4.13 7.36 -20.59
CBP COA E . -3.56 6.82 -18.32
CCP COA E . -4.67 6.96 -19.35
CDP COA E . -2.63 5.69 -18.80
CEP COA E . -4.19 6.38 -17.00
CAP COA E . -2.80 8.15 -18.17
OAP COA E . -3.67 9.18 -17.75
C9P COA E . -1.62 8.02 -17.23
O9P COA E . -0.44 7.37 -17.66
N8P COA E . -1.75 8.51 -16.00
C7P COA E . -0.63 8.57 -15.08
C6P COA E . -0.44 7.27 -14.31
C5P COA E . -1.77 6.85 -13.72
O5P COA E . -2.32 7.55 -12.86
N4P COA E . -2.31 5.73 -14.20
C3P COA E . -3.60 5.30 -13.74
C2P COA E . -3.56 4.63 -12.38
S1P COA E . -5.21 4.58 -11.66
N1 EPE F . 9.70 -20.97 -13.32
C2 EPE F . 8.49 -21.07 -12.48
C3 EPE F . 7.23 -21.27 -13.32
N4 EPE F . 7.39 -22.43 -14.17
C5 EPE F . 8.44 -22.13 -15.12
C6 EPE F . 9.77 -22.01 -14.39
C7 EPE F . 6.16 -22.93 -14.80
C8 EPE F . 5.07 -21.92 -15.14
O8 EPE F . 4.30 -21.57 -14.02
C9 EPE F . 10.88 -21.06 -12.43
C10 EPE F . 12.13 -20.51 -13.09
S EPE F . 13.59 -20.74 -12.05
O1S EPE F . 14.76 -20.17 -12.73
O2S EPE F . 13.80 -22.17 -11.86
O3S EPE F . 13.40 -20.10 -10.76
#